data_4QFS
#
_entry.id   4QFS
#
_cell.length_a   123.880
_cell.length_b   123.880
_cell.length_c   401.640
_cell.angle_alpha   90.00
_cell.angle_beta   90.00
_cell.angle_gamma   120.00
#
_symmetry.space_group_name_H-M   'P 61 2 2'
#
loop_
_entity.id
_entity.type
_entity.pdbx_description
1 polymer "5'-AMP-activated protein kinase catalytic subunit alpha-1"
2 polymer "5'-AMP-activated protein kinase subunit beta-1"
3 polymer "5'-AMP-activated protein kinase subunit gamma-1"
4 non-polymer STAUROSPORINE
5 non-polymer 2-bromo-3-(4-bromophenyl)-4-hydroxy-6-oxo-6,7-dihydrothieno[2,3-b]pyridine-5-carbonitrile
6 non-polymer 'CHLORIDE ION'
7 non-polymer 'ADENOSINE MONOPHOSPHATE'
8 non-polymer 'SULFATE ION'
#
loop_
_entity_poly.entity_id
_entity_poly.type
_entity_poly.pdbx_seq_one_letter_code
_entity_poly.pdbx_strand_id
1 'polypeptide(L)'
;GATAEKQKHDGRVKIGHYILGDTLGVGTFGKVKVGKHELTGHKVAVKILNRQKIRSLDVVGKIRREIQNLKLFRHPHIIK
LYQVISTPSDIFMVMEYVSGGELFDYICKNGRLDEKESRRLFQQILSGVDYCHRHMVVHRDLKPENVLLDAHMNAKIADF
GLSNMMSDGEFLR(TPO)SCGSPNYAAPEVISGRLYAGPEVDIWSSGVILYALLCGTLPFDDDHVPTLFKKICDGIFYTP
QYLNPSVISLLKHMLQVDPMKRATIKDIREHEWFKQDLPKYLFPEDPSYSSTMIDDEALKEVCEKFECSEEEVLSCLYNR
NHQDPLAVAYHLIIDNRRIMNEAKDFYLATSPPDSFLDDHHLTRPHPERVPFLVAETPRARHTLDELNPQKSKHQGVRKA
KWHLGIRSQSRPNDIMAEVCRAIKQLDYEWKVVNPYYLRVRRKNPVTSTFSKMSLQLYQVDSRTYLLDFRSIDDEASGGP
GGSAPRPGSHTIEFFEMCANLIKILAQ
;
A
2 'polypeptide(L)'
;MEVNEKAPAQARPTVFRWTGGGKEVYLSGSFNNWSKLPLTRDQNNFVAILDLPEGEHQYKFFVDGQWTHDPSEPIVTSQL
GTVNNIIQVKKTDFEVFDALMVDSQKCSDVSELSSSPPGPYHQEPYISKPEERFKAPPILPPHLLQVILNKDTGISCDPA
LLPEPNHVMLNHLYALSIKDGVMVLSATHRYKKKYVTTLLYKPI
;
B
3 'polypeptide(L)'
;MESVAAESAPAPENEHSQETPESNSSVYTTFMKSHRCYDLIPTSSKLVVFDTSLQVKKAFFALVTNGVRAAPLWDSKKQS
FVGMLTITDFINILHRYYKSALVQIYELEEHKIETWREVYLQDSFKPLVCISPNASLFDAVSSLIRNKIHRLPVIDPESG
NTLYILTHKRILKFLKLFITEFPKPEFMSKSLEELQIGTYANIAMVRTTTPVYVALGIFVQHRVSALPVVDEKGRVVDIY
SKFDVINLAAEKTYNNLDVSVTKALQHRSHYFEGVLKCYLHETLEAIINRLVEAEVHRLVVVDEHDVVKGIVSLSDILQA
LVLTGGEKKP
;
C
#
# COMPACT_ATOMS: atom_id res chain seq x y z
N GLY A 11 -25.51 28.12 36.79
CA GLY A 11 -25.42 27.93 35.35
C GLY A 11 -24.75 26.64 34.92
N ARG A 12 -25.33 25.96 33.88
CA ARG A 12 -24.89 24.69 33.28
C ARG A 12 -23.55 24.81 32.57
N VAL A 13 -22.79 23.69 32.49
CA VAL A 13 -21.45 23.61 31.89
C VAL A 13 -21.52 23.69 30.38
N LYS A 14 -20.81 24.65 29.77
CA LYS A 14 -20.81 24.78 28.31
C LYS A 14 -19.45 24.38 27.70
N ILE A 15 -19.44 24.05 26.40
CA ILE A 15 -18.28 23.72 25.54
C ILE A 15 -18.78 23.91 24.12
N GLY A 16 -18.11 24.79 23.38
CA GLY A 16 -18.65 25.29 22.12
C GLY A 16 -19.75 26.14 22.73
N HIS A 17 -20.96 26.10 22.21
CA HIS A 17 -21.99 26.80 23.00
C HIS A 17 -22.97 25.77 23.48
N TYR A 18 -22.48 24.53 23.57
CA TYR A 18 -23.24 23.38 23.96
C TYR A 18 -23.22 23.17 25.44
N ILE A 19 -24.39 23.11 26.04
CA ILE A 19 -24.52 22.84 27.47
C ILE A 19 -24.42 21.30 27.61
N LEU A 20 -23.44 20.85 28.41
CA LEU A 20 -23.17 19.43 28.62
C LEU A 20 -24.24 18.78 29.45
N GLY A 21 -24.78 17.71 28.90
CA GLY A 21 -25.86 16.97 29.51
C GLY A 21 -25.44 15.62 30.06
N ASP A 22 -26.37 14.68 29.94
CA ASP A 22 -26.28 13.31 30.43
C ASP A 22 -25.23 12.49 29.70
N THR A 23 -24.54 11.64 30.48
CA THR A 23 -23.54 10.75 29.96
C THR A 23 -24.21 9.65 29.17
N LEU A 24 -23.97 9.65 27.88
CA LEU A 24 -24.47 8.70 26.92
C LEU A 24 -23.79 7.37 27.16
N GLY A 25 -22.50 7.41 27.46
CA GLY A 25 -21.76 6.18 27.71
C GLY A 25 -20.35 6.43 28.18
N VAL A 26 -19.62 5.33 28.47
CA VAL A 26 -18.26 5.44 29.00
C VAL A 26 -17.18 4.98 28.02
N GLY A 27 -17.58 4.64 26.79
CA GLY A 27 -16.72 4.29 25.66
C GLY A 27 -15.33 3.69 25.84
N THR A 28 -14.45 3.90 24.84
CA THR A 28 -13.12 3.30 24.89
C THR A 28 -12.22 3.99 25.89
N PHE A 29 -11.85 5.26 25.61
CA PHE A 29 -10.92 5.93 26.52
C PHE A 29 -11.61 6.89 27.51
N GLY A 30 -12.71 7.56 27.11
CA GLY A 30 -13.38 8.48 28.02
C GLY A 30 -14.88 8.55 27.95
N LYS A 31 -15.47 9.36 28.86
CA LYS A 31 -16.89 9.65 29.03
C LYS A 31 -17.53 10.35 27.79
N VAL A 32 -18.71 9.91 27.35
CA VAL A 32 -19.41 10.58 26.23
C VAL A 32 -20.70 11.22 26.76
N LYS A 33 -20.84 12.56 26.66
CA LYS A 33 -22.01 13.28 27.16
C LYS A 33 -22.71 14.05 26.06
N VAL A 34 -24.03 14.36 26.23
CA VAL A 34 -24.76 15.19 25.25
C VAL A 34 -24.36 16.65 25.34
N GLY A 35 -24.53 17.35 24.23
CA GLY A 35 -24.26 18.77 24.14
C GLY A 35 -25.42 19.44 23.46
N LYS A 36 -26.16 20.31 24.15
CA LYS A 36 -27.28 20.98 23.50
C LYS A 36 -26.88 22.40 23.31
N HIS A 37 -26.96 22.89 22.09
CA HIS A 37 -26.57 24.25 21.77
C HIS A 37 -27.47 25.32 22.46
N GLU A 38 -26.79 26.30 23.05
CA GLU A 38 -27.32 27.45 23.77
C GLU A 38 -28.49 28.14 23.05
N LEU A 39 -28.35 28.40 21.74
CA LEU A 39 -29.35 29.16 21.00
C LEU A 39 -30.14 28.36 19.99
N THR A 40 -29.48 27.41 19.30
CA THR A 40 -30.15 26.61 18.26
C THR A 40 -30.87 25.36 18.80
N GLY A 41 -30.32 24.76 19.84
CA GLY A 41 -30.85 23.54 20.43
C GLY A 41 -30.20 22.32 19.83
N HIS A 42 -29.27 22.53 18.90
CA HIS A 42 -28.57 21.45 18.24
C HIS A 42 -27.91 20.53 19.23
N LYS A 43 -28.04 19.20 19.01
CA LYS A 43 -27.45 18.20 19.90
C LYS A 43 -26.21 17.46 19.30
N VAL A 44 -25.10 17.46 20.08
CA VAL A 44 -23.86 16.76 19.75
C VAL A 44 -23.58 15.76 20.86
N ALA A 45 -22.72 14.78 20.58
CA ALA A 45 -22.19 13.81 21.53
C ALA A 45 -20.74 14.25 21.75
N VAL A 46 -20.30 14.35 23.02
CA VAL A 46 -18.97 14.85 23.38
C VAL A 46 -18.07 13.81 24.09
N LYS A 47 -16.94 13.43 23.47
CA LYS A 47 -15.98 12.51 24.11
C LYS A 47 -14.99 13.36 24.94
N ILE A 48 -15.01 13.18 26.27
CA ILE A 48 -14.14 13.94 27.19
C ILE A 48 -12.90 13.10 27.52
N LEU A 49 -11.72 13.51 26.95
CA LEU A 49 -10.45 12.80 27.18
C LEU A 49 -9.52 13.58 28.08
N ASN A 50 -9.29 13.09 29.31
CA ASN A 50 -8.36 13.73 30.25
C ASN A 50 -6.95 13.55 29.74
N ARG A 51 -6.23 14.66 29.51
CA ARG A 51 -4.86 14.65 29.01
C ARG A 51 -3.95 13.78 29.90
N GLN A 52 -4.12 13.88 31.25
CA GLN A 52 -3.35 13.10 32.23
C GLN A 52 -3.74 11.59 32.26
N LYS A 53 -5.02 11.24 31.97
CA LYS A 53 -5.44 9.84 31.93
C LYS A 53 -4.92 9.23 30.65
N ILE A 54 -5.01 9.96 29.54
CA ILE A 54 -4.57 9.44 28.24
C ILE A 54 -3.03 9.35 28.18
N ARG A 55 -2.30 9.78 29.21
CA ARG A 55 -0.86 9.56 29.15
C ARG A 55 -0.48 8.46 30.12
N SER A 56 -1.34 8.18 31.15
CA SER A 56 -1.20 7.09 32.13
C SER A 56 -1.27 5.79 31.36
N LEU A 57 -2.23 5.68 30.44
CA LEU A 57 -2.31 4.59 29.46
C LEU A 57 -1.51 5.27 28.37
N ASP A 58 -0.47 4.64 27.78
CA ASP A 58 0.27 5.41 26.77
C ASP A 58 -0.39 5.29 25.41
N VAL A 59 -1.56 5.93 25.33
CA VAL A 59 -2.48 5.96 24.22
C VAL A 59 -2.52 7.32 23.53
N VAL A 60 -1.65 8.25 23.95
CA VAL A 60 -1.57 9.60 23.37
C VAL A 60 -1.38 9.53 21.86
N GLY A 61 -0.52 8.61 21.41
CA GLY A 61 -0.26 8.38 19.99
C GLY A 61 -1.50 7.94 19.25
N LYS A 62 -2.21 6.99 19.87
CA LYS A 62 -3.45 6.42 19.36
C LYS A 62 -4.53 7.49 19.10
N ILE A 63 -4.70 8.45 20.05
CA ILE A 63 -5.69 9.52 19.99
C ILE A 63 -5.30 10.57 18.96
N ARG A 64 -4.00 10.92 18.92
CA ARG A 64 -3.42 11.84 17.96
C ARG A 64 -3.86 11.34 16.57
N ARG A 65 -3.63 10.05 16.30
CA ARG A 65 -3.98 9.40 15.04
C ARG A 65 -5.47 9.31 14.81
N GLU A 66 -6.26 8.84 15.83
CA GLU A 66 -7.72 8.67 15.75
C GLU A 66 -8.36 9.96 15.27
N ILE A 67 -8.03 11.06 15.96
CA ILE A 67 -8.49 12.40 15.61
C ILE A 67 -8.11 12.66 14.14
N GLN A 68 -6.79 12.51 13.80
CA GLN A 68 -6.23 12.68 12.46
C GLN A 68 -7.10 12.05 11.37
N ASN A 69 -7.53 10.79 11.58
CA ASN A 69 -8.35 10.06 10.61
C ASN A 69 -9.78 10.59 10.64
N LEU A 70 -10.47 10.35 11.76
CA LEU A 70 -11.86 10.75 12.04
C LEU A 70 -12.22 12.20 11.62
N LYS A 71 -11.22 13.13 11.69
CA LYS A 71 -11.39 14.54 11.36
C LYS A 71 -11.58 14.78 9.89
N LEU A 72 -11.30 13.80 9.02
CA LEU A 72 -11.51 14.04 7.61
C LEU A 72 -12.61 13.14 6.97
N PHE A 73 -12.85 11.95 7.56
CA PHE A 73 -13.89 10.99 7.12
C PHE A 73 -15.24 11.71 7.02
N ARG A 74 -16.00 11.47 5.96
CA ARG A 74 -17.33 12.06 5.79
C ARG A 74 -18.25 11.02 5.15
N HIS A 75 -18.60 9.99 5.91
CA HIS A 75 -19.44 8.94 5.38
C HIS A 75 -20.77 8.91 6.14
N PRO A 76 -21.91 8.63 5.46
CA PRO A 76 -23.22 8.71 6.12
C PRO A 76 -23.51 7.69 7.18
N HIS A 77 -22.76 6.61 7.23
CA HIS A 77 -23.01 5.59 8.22
C HIS A 77 -21.84 5.48 9.21
N ILE A 78 -21.08 6.57 9.32
CA ILE A 78 -19.99 6.76 10.28
C ILE A 78 -20.28 8.11 10.97
N ILE A 79 -20.19 8.12 12.32
CA ILE A 79 -20.38 9.28 13.18
C ILE A 79 -19.29 10.33 12.90
N LYS A 80 -19.70 11.54 12.44
CA LYS A 80 -18.85 12.68 12.07
C LYS A 80 -18.20 13.34 13.30
N LEU A 81 -16.91 13.72 13.21
CA LEU A 81 -16.16 14.38 14.28
C LEU A 81 -16.16 15.86 13.95
N TYR A 82 -17.20 16.54 14.42
CA TYR A 82 -17.46 17.96 14.18
C TYR A 82 -16.26 18.90 14.50
N GLN A 83 -15.60 18.73 15.66
CA GLN A 83 -14.45 19.53 16.08
C GLN A 83 -13.86 18.97 17.38
N VAL A 84 -12.55 19.22 17.58
CA VAL A 84 -11.82 18.79 18.76
C VAL A 84 -11.41 20.04 19.51
N ILE A 85 -11.91 20.22 20.72
CA ILE A 85 -11.63 21.40 21.53
C ILE A 85 -10.56 21.01 22.54
N SER A 86 -9.39 21.61 22.45
CA SER A 86 -8.40 21.28 23.45
C SER A 86 -8.36 22.30 24.58
N THR A 87 -8.17 21.83 25.82
CA THR A 87 -8.05 22.66 27.02
C THR A 87 -6.80 22.20 27.77
N PRO A 88 -6.26 22.99 28.75
CA PRO A 88 -5.03 22.55 29.43
C PRO A 88 -5.09 21.19 30.13
N SER A 89 -6.26 20.83 30.65
CA SER A 89 -6.47 19.59 31.39
C SER A 89 -7.05 18.46 30.57
N ASP A 90 -8.00 18.77 29.65
CA ASP A 90 -8.78 17.80 28.87
C ASP A 90 -9.01 18.17 27.40
N ILE A 91 -9.33 17.16 26.58
CA ILE A 91 -9.60 17.27 25.16
C ILE A 91 -11.06 16.87 24.93
N PHE A 92 -11.79 17.66 24.13
CA PHE A 92 -13.20 17.40 23.84
C PHE A 92 -13.47 17.06 22.36
N MET A 93 -14.08 15.90 22.12
CA MET A 93 -14.38 15.48 20.76
C MET A 93 -15.85 15.66 20.47
N VAL A 94 -16.19 16.83 19.87
CA VAL A 94 -17.55 17.20 19.47
C VAL A 94 -17.89 16.39 18.23
N MET A 95 -18.95 15.57 18.31
CA MET A 95 -19.39 14.68 17.22
C MET A 95 -20.90 14.62 17.12
N GLU A 96 -21.43 14.31 15.91
CA GLU A 96 -22.88 14.20 15.63
C GLU A 96 -23.61 13.24 16.57
N TYR A 97 -24.79 13.66 17.06
CA TYR A 97 -25.56 12.82 17.97
C TYR A 97 -26.73 12.12 17.25
N VAL A 98 -26.90 10.81 17.54
CA VAL A 98 -28.00 10.02 16.97
C VAL A 98 -28.91 9.52 18.10
N SER A 99 -30.19 9.94 18.05
CA SER A 99 -31.25 9.69 19.01
C SER A 99 -31.59 8.21 19.26
N GLY A 100 -31.60 7.38 18.20
CA GLY A 100 -31.96 5.97 18.26
C GLY A 100 -31.12 5.04 19.12
N GLY A 101 -29.90 5.47 19.45
CA GLY A 101 -29.01 4.68 20.29
C GLY A 101 -28.55 3.37 19.69
N GLU A 102 -28.00 2.50 20.55
CA GLU A 102 -27.44 1.19 20.22
C GLU A 102 -28.33 0.34 19.35
N LEU A 103 -27.71 -0.34 18.39
CA LEU A 103 -28.39 -1.29 17.53
C LEU A 103 -28.67 -2.47 18.44
N PHE A 104 -27.73 -2.73 19.37
CA PHE A 104 -27.82 -3.78 20.36
C PHE A 104 -29.14 -3.68 21.07
N ASP A 105 -29.41 -2.55 21.72
CA ASP A 105 -30.68 -2.35 22.42
C ASP A 105 -31.85 -2.43 21.45
N TYR A 106 -31.70 -1.95 20.20
CA TYR A 106 -32.81 -2.06 19.24
C TYR A 106 -33.19 -3.54 19.13
N ILE A 107 -32.21 -4.39 18.77
CA ILE A 107 -32.40 -5.82 18.62
C ILE A 107 -32.87 -6.44 19.95
N CYS A 108 -32.46 -5.88 21.11
CA CYS A 108 -32.93 -6.36 22.41
C CYS A 108 -34.43 -6.16 22.58
N LYS A 109 -34.91 -4.92 22.36
CA LYS A 109 -36.28 -4.50 22.57
C LYS A 109 -37.19 -5.11 21.56
N ASN A 110 -36.83 -4.95 20.29
CA ASN A 110 -37.54 -5.50 19.16
C ASN A 110 -36.90 -6.84 18.96
N GLY A 111 -37.41 -7.67 18.06
CA GLY A 111 -36.81 -8.99 17.91
C GLY A 111 -35.61 -8.93 17.00
N ARG A 112 -35.50 -9.93 16.13
CA ARG A 112 -34.51 -9.92 15.08
C ARG A 112 -35.18 -9.11 13.97
N LEU A 113 -34.41 -8.61 13.00
CA LEU A 113 -34.91 -7.82 11.86
C LEU A 113 -35.34 -8.77 10.72
N ASP A 114 -36.32 -8.33 9.93
CA ASP A 114 -36.73 -9.15 8.80
C ASP A 114 -35.68 -9.11 7.67
N GLU A 115 -35.61 -10.13 6.80
CA GLU A 115 -34.61 -10.20 5.73
C GLU A 115 -34.39 -8.87 5.00
N LYS A 116 -35.49 -8.19 4.63
CA LYS A 116 -35.47 -6.90 3.94
C LYS A 116 -34.83 -5.81 4.79
N GLU A 117 -35.28 -5.65 6.04
CA GLU A 117 -34.73 -4.63 6.92
C GLU A 117 -33.29 -4.90 7.33
N SER A 118 -32.97 -6.17 7.64
CA SER A 118 -31.65 -6.67 8.05
C SER A 118 -30.63 -6.29 7.00
N ARG A 119 -30.97 -6.55 5.74
CA ARG A 119 -30.14 -6.29 4.59
C ARG A 119 -29.79 -4.83 4.47
N ARG A 120 -30.82 -3.95 4.53
CA ARG A 120 -30.71 -2.48 4.44
C ARG A 120 -29.60 -1.96 5.32
N LEU A 121 -29.64 -2.35 6.61
CA LEU A 121 -28.68 -2.00 7.64
C LEU A 121 -27.33 -2.63 7.40
N PHE A 122 -27.29 -3.95 7.09
CA PHE A 122 -26.02 -4.60 6.77
C PHE A 122 -25.26 -3.87 5.64
N GLN A 123 -26.01 -3.41 4.60
CA GLN A 123 -25.49 -2.63 3.47
C GLN A 123 -24.86 -1.34 3.98
N GLN A 124 -25.62 -0.57 4.78
CA GLN A 124 -25.16 0.68 5.38
C GLN A 124 -23.91 0.47 6.21
N ILE A 125 -23.95 -0.53 7.13
CA ILE A 125 -22.84 -0.85 8.02
C ILE A 125 -21.63 -1.13 7.17
N LEU A 126 -21.77 -2.06 6.18
CA LEU A 126 -20.66 -2.44 5.29
C LEU A 126 -20.11 -1.32 4.45
N SER A 127 -20.97 -0.36 4.05
CA SER A 127 -20.52 0.79 3.29
C SER A 127 -19.51 1.54 4.12
N GLY A 128 -19.83 1.72 5.40
CA GLY A 128 -18.98 2.40 6.35
C GLY A 128 -17.67 1.67 6.53
N VAL A 129 -17.73 0.32 6.78
CA VAL A 129 -16.57 -0.57 7.02
C VAL A 129 -15.65 -0.49 5.83
N ASP A 130 -16.28 -0.46 4.66
CA ASP A 130 -15.61 -0.32 3.40
C ASP A 130 -14.89 1.05 3.31
N TYR A 131 -15.55 2.16 3.74
CA TYR A 131 -15.00 3.53 3.70
C TYR A 131 -13.75 3.63 4.53
N CYS A 132 -13.75 2.98 5.68
CA CYS A 132 -12.63 2.97 6.61
C CYS A 132 -11.45 2.34 5.98
N HIS A 133 -11.63 1.10 5.49
CA HIS A 133 -10.58 0.31 4.91
C HIS A 133 -9.96 1.02 3.69
N ARG A 134 -10.81 1.76 2.93
CA ARG A 134 -10.45 2.56 1.76
C ARG A 134 -9.59 3.75 2.19
N HIS A 135 -9.56 4.06 3.48
CA HIS A 135 -8.79 5.15 4.05
C HIS A 135 -7.75 4.62 4.99
N MET A 136 -7.42 3.33 4.87
CA MET A 136 -6.40 2.65 5.70
C MET A 136 -6.73 2.57 7.19
N VAL A 137 -8.04 2.64 7.53
CA VAL A 137 -8.45 2.54 8.93
C VAL A 137 -9.24 1.25 9.14
N VAL A 138 -8.85 0.45 10.14
CA VAL A 138 -9.55 -0.78 10.45
C VAL A 138 -10.10 -0.69 11.89
N HIS A 139 -11.40 -0.33 12.00
CA HIS A 139 -12.15 -0.21 13.25
C HIS A 139 -12.31 -1.60 13.81
N ARG A 140 -11.32 -2.07 14.61
CA ARG A 140 -11.51 -3.33 15.34
C ARG A 140 -12.59 -2.90 16.35
N ASP A 141 -13.43 -3.82 16.87
CA ASP A 141 -14.49 -3.46 17.85
C ASP A 141 -15.84 -3.09 17.15
N LEU A 142 -16.13 -3.77 16.04
CA LEU A 142 -17.39 -3.59 15.30
C LEU A 142 -18.43 -4.51 15.95
N LYS A 143 -19.52 -3.95 16.51
CA LYS A 143 -20.55 -4.74 17.20
C LYS A 143 -21.87 -3.98 17.32
N PRO A 144 -23.05 -4.61 17.44
CA PRO A 144 -24.29 -3.80 17.55
C PRO A 144 -24.30 -2.83 18.73
N GLU A 145 -23.36 -2.99 19.67
CA GLU A 145 -23.18 -2.10 20.81
C GLU A 145 -22.52 -0.77 20.34
N ASN A 146 -21.70 -0.81 19.27
CA ASN A 146 -21.01 0.32 18.65
C ASN A 146 -21.64 0.77 17.35
N VAL A 147 -22.80 0.21 17.03
CA VAL A 147 -23.51 0.63 15.83
C VAL A 147 -24.70 1.39 16.35
N LEU A 148 -24.74 2.70 16.06
CA LEU A 148 -25.84 3.52 16.56
C LEU A 148 -26.88 3.78 15.48
N LEU A 149 -28.11 4.14 15.93
CA LEU A 149 -29.23 4.42 15.05
C LEU A 149 -29.74 5.86 15.20
N ASP A 150 -30.16 6.44 14.08
CA ASP A 150 -30.73 7.79 14.12
C ASP A 150 -32.24 7.68 14.04
N ALA A 151 -32.93 8.81 14.00
CA ALA A 151 -34.39 8.83 13.95
C ALA A 151 -34.96 8.09 12.71
N HIS A 152 -34.20 8.07 11.60
CA HIS A 152 -34.66 7.43 10.37
C HIS A 152 -34.10 6.03 10.13
N MET A 153 -33.57 5.39 11.20
CA MET A 153 -33.10 4.00 11.25
C MET A 153 -31.85 3.71 10.37
N ASN A 154 -30.92 4.67 10.37
CA ASN A 154 -29.64 4.56 9.67
C ASN A 154 -28.56 4.13 10.64
N ALA A 155 -27.69 3.29 10.16
CA ALA A 155 -26.55 2.82 10.93
C ALA A 155 -25.51 3.96 11.08
N LYS A 156 -24.77 3.95 12.17
CA LYS A 156 -23.74 4.94 12.41
C LYS A 156 -22.64 4.28 13.20
N ILE A 157 -21.51 3.94 12.53
CA ILE A 157 -20.32 3.31 13.14
C ILE A 157 -19.71 4.31 14.14
N ALA A 158 -19.51 3.90 15.42
CA ALA A 158 -19.17 4.90 16.41
C ALA A 158 -17.90 4.75 17.29
N ASP A 159 -17.33 3.57 17.61
CA ASP A 159 -16.21 3.75 18.58
C ASP A 159 -14.79 3.44 18.05
N PHE A 160 -14.18 4.44 17.44
CA PHE A 160 -12.85 4.30 16.82
C PHE A 160 -11.66 4.26 17.81
N GLY A 161 -11.92 4.20 19.12
CA GLY A 161 -10.85 4.15 20.11
C GLY A 161 -9.91 2.99 19.92
N LEU A 162 -10.50 1.83 19.57
CA LEU A 162 -9.82 0.57 19.32
C LEU A 162 -9.29 0.37 17.88
N SER A 163 -9.72 1.24 16.93
CA SER A 163 -9.25 1.25 15.54
C SER A 163 -7.72 1.41 15.42
N ASN A 164 -7.20 1.14 14.22
CA ASN A 164 -5.78 1.22 13.88
C ASN A 164 -5.55 1.46 12.41
N MET A 165 -4.36 1.99 12.10
CA MET A 165 -3.92 2.31 10.75
C MET A 165 -3.47 1.07 10.06
N MET A 166 -3.45 1.11 8.72
CA MET A 166 -2.98 0.00 7.91
C MET A 166 -1.75 0.49 7.15
N SER A 167 -0.54 0.12 7.62
CA SER A 167 0.68 0.54 6.94
C SER A 167 1.22 -0.49 5.98
N ASP A 168 1.71 -0.02 4.82
CA ASP A 168 2.32 -0.87 3.81
C ASP A 168 3.44 -1.72 4.43
N GLY A 169 3.30 -3.04 4.32
CA GLY A 169 4.26 -4.00 4.82
C GLY A 169 4.02 -4.54 6.22
N GLU A 170 3.11 -3.93 7.00
CA GLU A 170 2.87 -4.38 8.38
C GLU A 170 1.53 -5.02 8.65
N PHE A 171 1.54 -5.93 9.65
CA PHE A 171 0.41 -6.62 10.24
C PHE A 171 0.18 -5.99 11.59
N LEU A 172 -1.02 -6.16 12.16
CA LEU A 172 -1.36 -5.65 13.48
C LEU A 172 -1.36 -6.83 14.46
N ARG A 173 -1.27 -6.55 15.79
CA ARG A 173 -1.28 -7.63 16.77
C ARG A 173 -2.41 -7.50 17.81
N SER A 175 -5.04 -7.76 20.34
CA SER A 175 -6.21 -8.62 20.34
C SER A 175 -7.30 -7.80 20.95
N CYS A 176 -8.12 -7.13 20.12
CA CYS A 176 -9.11 -6.21 20.66
C CYS A 176 -10.55 -6.48 20.21
N GLY A 177 -11.47 -6.08 21.10
CA GLY A 177 -12.92 -6.21 20.95
C GLY A 177 -13.49 -7.42 21.68
N SER A 178 -14.82 -7.36 21.96
CA SER A 178 -15.65 -8.38 22.61
C SER A 178 -15.33 -9.75 22.02
N PRO A 179 -15.19 -10.80 22.85
CA PRO A 179 -14.86 -12.12 22.31
C PRO A 179 -15.91 -12.75 21.39
N ASN A 180 -17.18 -12.32 21.39
CA ASN A 180 -18.18 -12.91 20.48
C ASN A 180 -18.00 -12.48 19.04
N TYR A 181 -17.66 -11.21 18.87
CA TYR A 181 -17.45 -10.58 17.57
C TYR A 181 -16.01 -10.69 17.11
N ALA A 182 -15.10 -11.05 18.03
CA ALA A 182 -13.69 -11.21 17.71
C ALA A 182 -13.47 -12.42 16.80
N ALA A 183 -12.61 -12.24 15.76
CA ALA A 183 -12.19 -13.23 14.75
C ALA A 183 -11.33 -14.38 15.36
N PRO A 184 -11.21 -15.58 14.72
CA PRO A 184 -10.39 -16.66 15.32
C PRO A 184 -8.94 -16.23 15.56
N GLU A 185 -8.30 -15.57 14.56
CA GLU A 185 -6.93 -15.07 14.60
C GLU A 185 -6.70 -13.99 15.65
N VAL A 186 -7.79 -13.40 16.18
CA VAL A 186 -7.76 -12.37 17.22
C VAL A 186 -7.86 -13.08 18.56
N ILE A 187 -8.85 -13.96 18.74
CA ILE A 187 -8.96 -14.76 19.96
C ILE A 187 -7.73 -15.69 20.12
N SER A 188 -7.05 -16.03 19.01
CA SER A 188 -5.83 -16.84 18.97
C SER A 188 -4.56 -15.97 19.17
N GLY A 189 -4.76 -14.65 19.12
CA GLY A 189 -3.70 -13.64 19.29
C GLY A 189 -2.60 -13.69 18.25
N ARG A 190 -2.95 -14.11 17.04
CA ARG A 190 -2.03 -14.20 15.92
C ARG A 190 -1.97 -12.83 15.19
N LEU A 191 -1.02 -12.66 14.26
CA LEU A 191 -0.88 -11.41 13.50
C LEU A 191 -1.95 -11.34 12.41
N TYR A 192 -2.40 -10.12 12.08
CA TYR A 192 -3.44 -9.97 11.05
C TYR A 192 -3.24 -8.73 10.21
N ALA A 193 -3.73 -8.77 8.97
CA ALA A 193 -3.63 -7.65 8.04
C ALA A 193 -4.54 -6.51 8.51
N GLY A 194 -5.71 -6.87 9.01
CA GLY A 194 -6.67 -5.91 9.52
C GLY A 194 -8.07 -6.01 8.96
N PRO A 195 -8.31 -5.76 7.62
CA PRO A 195 -9.70 -5.76 7.12
C PRO A 195 -10.46 -7.04 7.36
N GLU A 196 -9.77 -8.18 7.29
CA GLU A 196 -10.37 -9.51 7.52
C GLU A 196 -10.92 -9.67 8.93
N VAL A 197 -10.39 -8.93 9.92
CA VAL A 197 -10.95 -9.07 11.26
C VAL A 197 -12.23 -8.26 11.33
N ASP A 198 -12.36 -7.23 10.49
CA ASP A 198 -13.58 -6.43 10.44
C ASP A 198 -14.69 -7.12 9.67
N ILE A 199 -14.32 -7.95 8.70
CA ILE A 199 -15.29 -8.69 7.91
C ILE A 199 -15.94 -9.74 8.80
N TRP A 200 -15.13 -10.48 9.59
CA TRP A 200 -15.58 -11.50 10.54
C TRP A 200 -16.51 -10.89 11.58
N SER A 201 -16.24 -9.64 11.98
CA SER A 201 -17.07 -8.90 12.92
C SER A 201 -18.36 -8.49 12.26
N SER A 202 -18.30 -8.07 10.99
CA SER A 202 -19.50 -7.68 10.24
C SER A 202 -20.41 -8.91 10.01
N GLY A 203 -19.80 -10.09 9.90
CA GLY A 203 -20.47 -11.36 9.72
C GLY A 203 -21.33 -11.73 10.90
N VAL A 204 -20.78 -11.59 12.10
CA VAL A 204 -21.51 -11.84 13.36
C VAL A 204 -22.64 -10.76 13.53
N ILE A 205 -22.37 -9.48 13.10
CA ILE A 205 -23.36 -8.40 13.14
C ILE A 205 -24.55 -8.82 12.29
N LEU A 206 -24.27 -9.27 11.07
CA LEU A 206 -25.29 -9.72 10.12
C LEU A 206 -26.16 -10.83 10.72
N TYR A 207 -25.52 -11.80 11.45
CA TYR A 207 -26.22 -12.92 12.06
C TYR A 207 -27.17 -12.39 13.10
N ALA A 208 -26.67 -11.43 13.93
CA ALA A 208 -27.43 -10.78 15.00
C ALA A 208 -28.64 -10.07 14.43
N LEU A 209 -28.46 -9.36 13.32
CA LEU A 209 -29.55 -8.67 12.66
C LEU A 209 -30.64 -9.65 12.23
N LEU A 210 -30.24 -10.79 11.67
CA LEU A 210 -31.18 -11.79 11.12
C LEU A 210 -31.78 -12.75 12.13
N CYS A 211 -31.11 -12.98 13.28
CA CYS A 211 -31.52 -13.96 14.26
C CYS A 211 -31.90 -13.40 15.59
N GLY A 212 -31.24 -12.33 15.98
CA GLY A 212 -31.46 -11.72 17.29
C GLY A 212 -30.66 -12.41 18.36
N THR A 213 -29.68 -13.24 17.94
CA THR A 213 -28.77 -13.97 18.79
C THR A 213 -27.38 -13.95 18.17
N LEU A 214 -26.36 -14.40 18.93
CA LEU A 214 -24.98 -14.49 18.46
C LEU A 214 -24.68 -15.86 17.91
N PRO A 215 -23.93 -15.94 16.81
CA PRO A 215 -23.65 -17.25 16.23
C PRO A 215 -22.79 -18.09 17.18
N PHE A 216 -21.78 -17.41 17.73
CA PHE A 216 -20.80 -17.90 18.68
C PHE A 216 -21.09 -17.17 19.96
N ASP A 217 -21.56 -17.96 20.92
CA ASP A 217 -21.96 -17.52 22.24
C ASP A 217 -22.04 -18.71 23.17
N ASP A 218 -21.39 -18.57 24.35
CA ASP A 218 -21.33 -19.56 25.41
C ASP A 218 -20.89 -18.91 26.69
N ASP A 219 -21.38 -19.43 27.82
CA ASP A 219 -20.96 -18.91 29.10
C ASP A 219 -19.66 -19.56 29.49
N HIS A 220 -19.44 -20.78 29.01
CA HIS A 220 -18.18 -21.43 29.24
C HIS A 220 -17.23 -20.86 28.22
N VAL A 221 -16.43 -19.88 28.67
CA VAL A 221 -15.46 -19.15 27.84
C VAL A 221 -14.61 -20.10 27.01
N PRO A 222 -13.99 -21.17 27.58
CA PRO A 222 -13.21 -22.09 26.73
C PRO A 222 -13.99 -22.70 25.57
N THR A 223 -15.27 -23.07 25.76
CA THR A 223 -16.09 -23.62 24.67
C THR A 223 -16.58 -22.54 23.73
N LEU A 224 -16.57 -21.26 24.16
CA LEU A 224 -16.92 -20.16 23.26
C LEU A 224 -15.72 -19.98 22.30
N PHE A 225 -14.49 -19.89 22.87
CA PHE A 225 -13.26 -19.75 22.11
C PHE A 225 -13.05 -20.91 21.12
N LYS A 226 -13.43 -22.17 21.50
CA LYS A 226 -13.35 -23.35 20.63
C LYS A 226 -14.25 -23.18 19.43
N LYS A 227 -15.57 -22.93 19.69
CA LYS A 227 -16.62 -22.73 18.69
C LYS A 227 -16.28 -21.68 17.67
N ILE A 228 -15.56 -20.60 18.10
CA ILE A 228 -15.11 -19.50 17.24
C ILE A 228 -14.06 -20.01 16.26
N CYS A 229 -13.14 -20.84 16.74
CA CYS A 229 -12.08 -21.40 15.92
C CYS A 229 -12.55 -22.61 15.16
N ASP A 230 -13.69 -23.14 15.57
CA ASP A 230 -14.32 -24.26 14.89
C ASP A 230 -15.23 -23.74 13.79
N GLY A 231 -15.37 -22.40 13.71
CA GLY A 231 -16.21 -21.67 12.76
C GLY A 231 -17.66 -22.07 12.74
N ILE A 232 -18.01 -23.02 13.61
CA ILE A 232 -19.32 -23.63 13.70
C ILE A 232 -20.30 -22.77 14.47
N PHE A 233 -21.44 -22.49 13.84
CA PHE A 233 -22.54 -21.73 14.39
C PHE A 233 -23.81 -22.34 13.84
N TYR A 234 -24.97 -22.06 14.46
CA TYR A 234 -26.21 -22.65 14.00
C TYR A 234 -26.98 -21.76 13.04
N THR A 235 -27.53 -22.35 11.97
CA THR A 235 -28.37 -21.63 11.04
C THR A 235 -29.83 -22.02 11.25
N PRO A 236 -30.64 -21.14 11.88
CA PRO A 236 -32.06 -21.46 12.06
C PRO A 236 -32.84 -21.62 10.75
N GLN A 237 -33.97 -22.38 10.80
CA GLN A 237 -34.85 -22.68 9.65
C GLN A 237 -35.31 -21.44 8.88
N TYR A 238 -35.53 -20.31 9.58
CA TYR A 238 -36.01 -19.12 8.92
C TYR A 238 -35.00 -18.51 8.01
N LEU A 239 -33.72 -18.64 8.34
CA LEU A 239 -32.63 -18.12 7.53
C LEU A 239 -32.66 -18.54 6.02
N ASN A 240 -32.38 -17.56 5.17
CA ASN A 240 -32.35 -17.75 3.72
C ASN A 240 -31.03 -18.41 3.32
N PRO A 241 -31.08 -19.53 2.59
CA PRO A 241 -29.84 -20.17 2.10
C PRO A 241 -28.86 -19.22 1.41
N SER A 242 -29.38 -18.23 0.65
CA SER A 242 -28.50 -17.24 0.04
C SER A 242 -27.79 -16.39 1.11
N VAL A 243 -28.47 -16.01 2.22
CA VAL A 243 -27.72 -15.30 3.25
C VAL A 243 -26.80 -16.27 4.00
N ILE A 244 -27.20 -17.57 4.07
CA ILE A 244 -26.41 -18.60 4.75
C ILE A 244 -25.10 -18.77 4.02
N SER A 245 -25.15 -18.81 2.68
CA SER A 245 -23.91 -18.90 1.90
C SER A 245 -22.97 -17.72 2.25
N LEU A 246 -23.55 -16.50 2.32
CA LEU A 246 -22.86 -15.25 2.64
C LEU A 246 -22.19 -15.30 3.99
N LEU A 247 -22.94 -15.72 5.06
CA LEU A 247 -22.44 -15.83 6.44
C LEU A 247 -21.35 -16.84 6.48
N LYS A 248 -21.50 -17.95 5.72
CA LYS A 248 -20.50 -19.01 5.67
C LYS A 248 -19.19 -18.47 5.10
N HIS A 249 -19.28 -17.60 4.10
CA HIS A 249 -18.11 -17.01 3.47
C HIS A 249 -17.42 -15.98 4.35
N MET A 250 -18.19 -15.18 5.08
CA MET A 250 -17.64 -14.15 5.96
C MET A 250 -17.08 -14.76 7.24
N LEU A 251 -17.74 -15.80 7.77
CA LEU A 251 -17.34 -16.44 9.01
C LEU A 251 -16.48 -17.67 8.73
N GLN A 252 -15.42 -17.45 7.93
CA GLN A 252 -14.41 -18.43 7.57
C GLN A 252 -13.27 -18.34 8.59
N VAL A 253 -12.78 -19.50 9.11
CA VAL A 253 -11.69 -19.44 10.08
C VAL A 253 -10.38 -19.14 9.37
N ASP A 254 -10.30 -19.51 8.08
CA ASP A 254 -9.10 -19.20 7.33
C ASP A 254 -9.23 -17.79 6.79
N PRO A 255 -8.35 -16.86 7.19
CA PRO A 255 -8.44 -15.48 6.66
C PRO A 255 -8.24 -15.46 5.16
N MET A 256 -7.44 -16.39 4.63
CA MET A 256 -7.23 -16.46 3.20
C MET A 256 -8.47 -16.99 2.50
N LYS A 257 -9.35 -17.72 3.23
CA LYS A 257 -10.60 -18.27 2.69
C LYS A 257 -11.84 -17.38 2.98
N ARG A 258 -11.66 -16.33 3.82
CA ARG A 258 -12.69 -15.38 4.26
C ARG A 258 -13.11 -14.40 3.18
N ALA A 259 -14.43 -14.09 3.12
CA ALA A 259 -15.03 -13.15 2.16
C ALA A 259 -14.39 -11.77 2.21
N THR A 260 -14.29 -11.10 1.06
CA THR A 260 -13.70 -9.76 0.97
C THR A 260 -14.83 -8.77 0.73
N ILE A 261 -14.58 -7.46 1.01
CA ILE A 261 -15.62 -6.43 0.81
C ILE A 261 -16.10 -6.49 -0.66
N LYS A 262 -15.21 -6.90 -1.62
CA LYS A 262 -15.60 -7.12 -3.03
C LYS A 262 -16.49 -8.34 -3.17
N ASP A 263 -16.07 -9.50 -2.63
CA ASP A 263 -16.86 -10.75 -2.67
C ASP A 263 -18.28 -10.52 -2.10
N ILE A 264 -18.36 -9.66 -1.05
CA ILE A 264 -19.62 -9.34 -0.39
C ILE A 264 -20.49 -8.53 -1.38
N ARG A 265 -19.91 -7.46 -1.95
CA ARG A 265 -20.57 -6.59 -2.93
C ARG A 265 -21.13 -7.40 -4.11
N GLU A 266 -20.33 -8.39 -4.55
CA GLU A 266 -20.59 -9.29 -5.66
C GLU A 266 -21.66 -10.30 -5.32
N HIS A 267 -21.82 -10.65 -4.01
CA HIS A 267 -22.80 -11.64 -3.55
C HIS A 267 -24.23 -11.20 -3.84
N GLU A 268 -25.06 -12.15 -4.29
CA GLU A 268 -26.43 -11.89 -4.72
C GLU A 268 -27.40 -11.38 -3.65
N TRP A 269 -27.29 -11.88 -2.40
CA TRP A 269 -28.18 -11.45 -1.32
C TRP A 269 -27.90 -9.98 -0.99
N PHE A 270 -26.62 -9.57 -1.04
CA PHE A 270 -26.14 -8.21 -0.78
C PHE A 270 -26.56 -7.22 -1.87
N LYS A 271 -26.27 -7.58 -3.14
CA LYS A 271 -26.55 -6.83 -4.38
C LYS A 271 -28.00 -6.34 -4.42
N GLN A 272 -28.91 -7.14 -3.81
CA GLN A 272 -30.36 -6.96 -3.76
C GLN A 272 -30.78 -5.68 -3.14
N ASP A 273 -31.56 -4.86 -3.87
CA ASP A 273 -32.14 -3.57 -3.45
C ASP A 273 -31.10 -2.51 -2.95
N LEU A 274 -29.81 -2.85 -3.05
CA LEU A 274 -28.67 -2.06 -2.62
C LEU A 274 -28.68 -0.69 -3.25
N PRO A 275 -28.77 0.38 -2.44
CA PRO A 275 -28.78 1.74 -3.02
C PRO A 275 -27.45 2.11 -3.63
N LYS A 276 -27.54 3.02 -4.57
CA LYS A 276 -26.46 3.54 -5.39
C LYS A 276 -25.42 4.30 -4.58
N TYR A 277 -25.88 5.29 -3.75
CA TYR A 277 -25.06 6.18 -2.92
C TYR A 277 -24.06 5.47 -2.01
N LEU A 278 -24.40 4.24 -1.59
CA LEU A 278 -23.60 3.43 -0.69
C LEU A 278 -22.26 3.10 -1.26
N PHE A 279 -22.19 2.73 -2.54
CA PHE A 279 -20.94 2.38 -3.20
C PHE A 279 -20.79 3.00 -4.59
N LYS A 397 9.19 -21.17 -8.58
CA LYS A 397 8.58 -21.07 -7.25
C LYS A 397 9.32 -20.07 -6.35
N TRP A 398 8.60 -19.02 -5.92
CA TRP A 398 9.11 -17.93 -5.09
C TRP A 398 9.13 -18.27 -3.61
N HIS A 399 10.02 -17.63 -2.82
CA HIS A 399 10.11 -17.89 -1.38
C HIS A 399 10.26 -16.60 -0.62
N LEU A 400 9.42 -16.38 0.39
CA LEU A 400 9.51 -15.18 1.22
C LEU A 400 10.65 -15.36 2.23
N GLY A 401 11.76 -14.68 2.00
CA GLY A 401 12.93 -14.76 2.85
C GLY A 401 13.58 -16.13 2.95
N ILE A 402 14.58 -16.25 3.85
CA ILE A 402 15.36 -17.47 4.09
C ILE A 402 14.96 -18.14 5.41
N ARG A 403 14.52 -19.40 5.30
CA ARG A 403 14.01 -20.22 6.40
C ARG A 403 15.06 -21.13 7.03
N SER A 404 15.23 -21.03 8.36
CA SER A 404 16.19 -21.86 9.10
C SER A 404 15.52 -22.77 10.14
N GLN A 405 16.26 -23.77 10.68
CA GLN A 405 15.70 -24.74 11.62
C GLN A 405 16.31 -24.74 13.04
N SER A 406 17.38 -23.96 13.30
CA SER A 406 18.03 -23.86 14.62
C SER A 406 17.04 -23.36 15.70
N ARG A 407 17.43 -23.36 16.99
CA ARG A 407 16.53 -22.84 18.02
C ARG A 407 16.36 -21.34 17.76
N PRO A 408 15.14 -20.77 17.80
CA PRO A 408 14.95 -19.35 17.44
C PRO A 408 15.93 -18.33 18.04
N ASN A 409 16.58 -18.65 19.18
CA ASN A 409 17.58 -17.77 19.79
C ASN A 409 19.00 -17.96 19.16
N ASP A 410 19.28 -19.16 18.58
CA ASP A 410 20.52 -19.49 17.87
C ASP A 410 20.52 -18.74 16.53
N ILE A 411 19.33 -18.70 15.86
CA ILE A 411 19.11 -18.04 14.57
C ILE A 411 19.33 -16.54 14.75
N MET A 412 18.82 -15.97 15.85
CA MET A 412 18.98 -14.55 16.14
C MET A 412 20.44 -14.22 16.47
N ALA A 413 21.17 -15.19 17.01
CA ALA A 413 22.60 -15.05 17.29
C ALA A 413 23.31 -15.10 15.94
N GLU A 414 22.91 -16.07 15.08
CA GLU A 414 23.42 -16.30 13.74
C GLU A 414 23.33 -15.02 12.89
N VAL A 415 22.19 -14.25 12.99
CA VAL A 415 21.97 -13.01 12.22
C VAL A 415 22.97 -11.92 12.60
N CYS A 416 23.24 -11.72 13.91
CA CYS A 416 24.16 -10.71 14.39
C CYS A 416 25.61 -11.01 14.10
N ARG A 417 26.04 -12.30 14.21
CA ARG A 417 27.42 -12.69 13.88
C ARG A 417 27.62 -12.71 12.36
N ALA A 418 26.71 -12.00 11.67
CA ALA A 418 26.65 -11.81 10.24
C ALA A 418 26.41 -10.33 9.91
N ILE A 419 25.59 -9.62 10.73
CA ILE A 419 25.30 -8.20 10.51
C ILE A 419 26.53 -7.36 10.87
N LYS A 420 27.11 -7.59 12.06
CA LYS A 420 28.31 -6.90 12.53
C LYS A 420 29.48 -7.23 11.60
N GLN A 421 29.49 -8.47 11.08
CA GLN A 421 30.47 -8.99 10.12
C GLN A 421 30.43 -8.19 8.81
N LEU A 422 29.34 -7.43 8.59
CA LEU A 422 29.15 -6.59 7.42
C LEU A 422 29.24 -5.09 7.77
N ASP A 423 29.46 -4.78 9.07
CA ASP A 423 29.59 -3.43 9.63
C ASP A 423 28.38 -2.53 9.27
N TYR A 424 27.21 -2.93 9.77
CA TYR A 424 25.93 -2.24 9.57
C TYR A 424 25.25 -1.97 10.93
N GLU A 425 24.99 -0.68 11.25
CA GLU A 425 24.35 -0.20 12.50
C GLU A 425 22.94 -0.74 12.66
N TRP A 426 22.51 -1.11 13.89
CA TRP A 426 21.14 -1.59 14.08
C TRP A 426 20.54 -1.19 15.43
N LYS A 427 19.31 -1.68 15.69
CA LYS A 427 18.56 -1.49 16.93
C LYS A 427 17.65 -2.70 17.12
N VAL A 428 17.93 -3.53 18.15
CA VAL A 428 17.13 -4.72 18.46
C VAL A 428 15.82 -4.27 19.14
N VAL A 429 14.69 -4.43 18.44
CA VAL A 429 13.40 -4.02 19.00
C VAL A 429 12.95 -5.13 19.96
N ASN A 430 12.44 -6.23 19.40
CA ASN A 430 11.97 -7.41 20.12
C ASN A 430 13.09 -8.46 20.14
N PRO A 431 12.93 -9.65 20.77
CA PRO A 431 14.00 -10.66 20.65
C PRO A 431 14.00 -11.33 19.26
N TYR A 432 13.00 -11.02 18.40
CA TYR A 432 12.88 -11.58 17.04
C TYR A 432 12.67 -10.49 15.96
N TYR A 433 12.83 -9.20 16.35
CA TYR A 433 12.71 -8.03 15.48
C TYR A 433 13.95 -7.11 15.66
N LEU A 434 14.62 -6.77 14.54
CA LEU A 434 15.80 -5.90 14.50
C LEU A 434 15.63 -4.84 13.40
N ARG A 435 15.92 -3.56 13.72
CA ARG A 435 15.87 -2.47 12.73
C ARG A 435 17.33 -2.04 12.38
N VAL A 436 17.85 -2.59 11.26
CA VAL A 436 19.22 -2.39 10.81
C VAL A 436 19.36 -1.36 9.63
N ARG A 437 20.48 -0.62 9.65
CA ARG A 437 20.93 0.40 8.70
C ARG A 437 22.30 0.04 8.14
N ARG A 438 22.56 0.34 6.86
CA ARG A 438 23.84 0.09 6.18
C ARG A 438 24.40 1.44 5.70
N LYS A 439 25.71 1.66 5.88
CA LYS A 439 26.36 2.89 5.44
C LYS A 439 26.84 2.69 4.00
N ASN A 440 26.30 3.48 3.06
CA ASN A 440 26.67 3.36 1.64
C ASN A 440 28.02 4.02 1.37
N PRO A 441 28.99 3.29 0.79
CA PRO A 441 30.30 3.92 0.53
C PRO A 441 30.35 4.82 -0.70
N VAL A 442 29.51 4.54 -1.70
CA VAL A 442 29.49 5.29 -2.95
C VAL A 442 28.62 6.55 -2.85
N THR A 443 27.28 6.40 -2.78
CA THR A 443 26.32 7.52 -2.71
C THR A 443 26.41 8.33 -1.42
N SER A 444 26.95 7.73 -0.35
CA SER A 444 27.11 8.30 0.99
C SER A 444 25.76 8.67 1.61
N THR A 445 24.78 7.74 1.51
CA THR A 445 23.43 7.87 2.07
C THR A 445 23.04 6.55 2.72
N PHE A 446 22.62 6.60 3.99
CA PHE A 446 22.22 5.44 4.77
C PHE A 446 20.94 4.81 4.21
N SER A 447 20.87 3.47 4.21
CA SER A 447 19.74 2.68 3.72
C SER A 447 19.27 1.75 4.85
N LYS A 448 17.97 1.76 5.19
CA LYS A 448 17.47 0.92 6.29
C LYS A 448 16.52 -0.20 5.85
N MET A 449 16.54 -1.32 6.61
CA MET A 449 15.68 -2.50 6.44
C MET A 449 15.36 -3.13 7.80
N SER A 450 14.15 -3.66 7.99
CA SER A 450 13.81 -4.33 9.25
C SER A 450 13.71 -5.84 9.05
N LEU A 451 14.12 -6.60 10.08
CA LEU A 451 14.16 -8.06 10.00
C LEU A 451 13.29 -8.69 11.03
N GLN A 452 12.38 -9.56 10.59
CA GLN A 452 11.47 -10.25 11.48
C GLN A 452 11.62 -11.77 11.32
N LEU A 453 11.58 -12.50 12.44
CA LEU A 453 11.67 -13.95 12.45
C LEU A 453 10.33 -14.53 12.91
N TYR A 454 9.68 -15.30 12.03
CA TYR A 454 8.40 -15.96 12.25
C TYR A 454 8.66 -17.45 12.37
N GLN A 455 7.60 -18.23 12.59
CA GLN A 455 7.66 -19.68 12.70
C GLN A 455 6.69 -20.22 11.67
N VAL A 456 7.08 -21.28 10.95
CA VAL A 456 6.20 -21.85 9.92
C VAL A 456 5.62 -23.18 10.39
N ASP A 457 6.47 -24.20 10.58
CA ASP A 457 6.11 -25.53 11.02
C ASP A 457 6.24 -25.66 12.53
N SER A 458 6.05 -26.89 13.02
CA SER A 458 6.27 -27.29 14.39
C SER A 458 7.79 -27.43 14.50
N ARG A 459 8.43 -27.69 13.33
CA ARG A 459 9.86 -27.92 13.15
C ARG A 459 10.63 -26.79 12.40
N THR A 460 9.96 -25.76 11.80
CA THR A 460 10.75 -24.72 11.11
C THR A 460 10.35 -23.25 11.45
N TYR A 461 11.37 -22.34 11.37
CA TYR A 461 11.35 -20.88 11.57
C TYR A 461 11.72 -20.16 10.24
N LEU A 462 11.37 -18.85 10.08
CA LEU A 462 11.66 -18.11 8.84
C LEU A 462 12.01 -16.63 9.05
N LEU A 463 13.19 -16.23 8.55
CA LEU A 463 13.65 -14.83 8.63
C LEU A 463 13.13 -14.05 7.43
N ASP A 464 12.37 -12.99 7.71
CA ASP A 464 11.73 -12.08 6.76
C ASP A 464 12.44 -10.72 6.72
N PHE A 465 12.66 -10.18 5.50
CA PHE A 465 13.34 -8.91 5.24
C PHE A 465 12.37 -7.90 4.65
N ARG A 466 12.15 -6.80 5.38
CA ARG A 466 11.24 -5.73 4.97
C ARG A 466 11.98 -4.41 4.78
N SER A 467 11.72 -3.72 3.64
CA SER A 467 12.31 -2.43 3.30
C SER A 467 11.69 -1.31 4.13
N ILE A 468 12.52 -0.30 4.48
CA ILE A 468 12.10 0.85 5.28
C ILE A 468 12.27 2.11 4.43
N ASP A 469 11.21 2.93 4.33
CA ASP A 469 11.24 4.17 3.55
C ASP A 469 11.75 5.38 4.34
N ASP A 470 12.66 6.15 3.69
CA ASP A 470 13.35 7.36 4.21
C ASP A 470 12.40 8.51 4.60
N SER A 485 19.67 3.96 -6.27
CA SER A 485 18.28 3.50 -6.15
C SER A 485 17.98 2.76 -4.84
N HIS A 486 16.87 3.13 -4.14
CA HIS A 486 16.44 2.56 -2.86
C HIS A 486 16.25 1.05 -2.93
N THR A 487 15.35 0.60 -3.80
CA THR A 487 14.99 -0.79 -4.01
C THR A 487 16.22 -1.68 -4.28
N ILE A 488 17.06 -1.36 -5.28
CA ILE A 488 18.24 -2.17 -5.63
C ILE A 488 19.20 -2.28 -4.46
N GLU A 489 19.38 -1.16 -3.75
CA GLU A 489 20.23 -1.12 -2.58
C GLU A 489 19.65 -2.01 -1.49
N PHE A 490 18.30 -2.15 -1.43
CA PHE A 490 17.64 -2.99 -0.45
C PHE A 490 17.98 -4.47 -0.69
N PHE A 491 17.89 -4.91 -1.97
CA PHE A 491 18.19 -6.29 -2.37
C PHE A 491 19.63 -6.59 -2.08
N GLU A 492 20.52 -5.62 -2.38
CA GLU A 492 21.94 -5.73 -2.12
C GLU A 492 22.18 -5.94 -0.60
N MET A 493 21.59 -5.05 0.23
CA MET A 493 21.66 -5.10 1.69
C MET A 493 21.27 -6.50 2.21
N CYS A 494 20.21 -7.09 1.62
CA CYS A 494 19.70 -8.43 1.95
C CYS A 494 20.67 -9.54 1.54
N ALA A 495 20.97 -9.62 0.23
CA ALA A 495 21.77 -10.66 -0.41
C ALA A 495 23.05 -11.00 0.29
N ASN A 496 23.85 -9.98 0.65
CA ASN A 496 25.12 -10.15 1.34
C ASN A 496 24.91 -11.01 2.58
N LEU A 497 23.85 -10.70 3.35
CA LEU A 497 23.45 -11.40 4.57
C LEU A 497 23.05 -12.87 4.34
N ILE A 498 22.43 -13.14 3.17
CA ILE A 498 21.89 -14.45 2.80
C ILE A 498 22.99 -15.49 2.51
N LYS A 499 24.03 -15.10 1.72
CA LYS A 499 25.17 -15.97 1.35
C LYS A 499 25.88 -16.58 2.57
N ILE A 500 25.86 -15.86 3.71
CA ILE A 500 26.42 -16.29 4.97
C ILE A 500 25.30 -16.68 5.94
N LEU A 501 24.22 -17.32 5.41
CA LEU A 501 23.10 -17.77 6.25
C LEU A 501 22.35 -19.03 5.74
N ALA A 502 21.66 -19.72 6.70
CA ALA A 502 20.98 -21.04 6.65
C ALA A 502 19.58 -21.10 5.97
N GLN A 503 19.54 -21.73 4.75
CA GLN A 503 18.39 -22.02 3.89
C GLN A 503 17.38 -20.87 3.76
N PRO B 13 -10.46 27.97 26.50
CA PRO B 13 -11.18 27.79 27.77
C PRO B 13 -10.46 26.89 28.75
N THR B 14 -10.77 27.03 30.03
CA THR B 14 -10.12 26.24 31.06
C THR B 14 -11.13 25.44 31.85
N VAL B 15 -10.74 24.22 32.30
CA VAL B 15 -11.59 23.30 33.04
C VAL B 15 -11.21 23.29 34.50
N PHE B 16 -12.16 23.67 35.37
CA PHE B 16 -11.91 23.70 36.81
C PHE B 16 -12.72 22.60 37.42
N ARG B 17 -12.06 21.47 37.76
CA ARG B 17 -12.75 20.30 38.28
C ARG B 17 -12.36 19.90 39.69
N TRP B 18 -13.36 19.84 40.57
CA TRP B 18 -13.22 19.43 41.96
C TRP B 18 -13.63 17.98 42.02
N THR B 19 -12.79 17.13 42.61
CA THR B 19 -13.15 15.74 42.70
C THR B 19 -13.30 15.30 44.13
N GLY B 20 -14.46 14.74 44.39
CA GLY B 20 -14.87 14.29 45.71
C GLY B 20 -16.27 14.79 45.92
N GLY B 21 -16.91 14.34 46.98
CA GLY B 21 -18.29 14.72 47.29
C GLY B 21 -18.49 16.14 47.79
N GLY B 22 -19.76 16.51 47.95
CA GLY B 22 -20.17 17.82 48.44
C GLY B 22 -21.59 18.22 48.10
N LYS B 23 -22.32 18.80 49.08
CA LYS B 23 -23.69 19.31 48.89
C LYS B 23 -23.58 20.54 48.02
N GLU B 24 -22.67 21.47 48.37
CA GLU B 24 -22.42 22.67 47.57
C GLU B 24 -20.93 22.95 47.43
N VAL B 25 -20.47 23.10 46.16
CA VAL B 25 -19.07 23.34 45.74
C VAL B 25 -19.00 24.60 44.82
N TYR B 26 -18.18 25.58 45.20
CA TYR B 26 -18.02 26.83 44.44
C TYR B 26 -16.59 27.11 44.11
N LEU B 27 -16.35 27.66 42.91
CA LEU B 27 -15.02 28.08 42.47
C LEU B 27 -14.86 29.57 42.60
N SER B 28 -13.98 29.98 43.50
CA SER B 28 -13.65 31.38 43.67
C SER B 28 -12.23 31.57 43.13
N GLY B 29 -12.05 32.54 42.25
CA GLY B 29 -10.76 32.74 41.62
C GLY B 29 -10.42 34.19 41.43
N SER B 30 -9.20 34.46 40.95
CA SER B 30 -8.76 35.82 40.68
C SER B 30 -9.58 36.39 39.52
N PHE B 31 -9.77 35.56 38.48
CA PHE B 31 -10.53 35.81 37.27
C PHE B 31 -11.98 36.27 37.49
N ASN B 32 -12.59 35.93 38.64
CA ASN B 32 -13.97 36.34 38.88
C ASN B 32 -14.12 37.25 40.09
N ASN B 33 -13.03 37.98 40.46
CA ASN B 33 -13.00 38.87 41.63
C ASN B 33 -13.39 38.11 42.88
N TRP B 34 -12.81 36.93 43.00
CA TRP B 34 -12.99 35.99 44.10
C TRP B 34 -14.47 35.79 44.47
N SER B 35 -15.37 35.97 43.48
CA SER B 35 -16.81 35.74 43.67
C SER B 35 -17.05 34.24 43.68
N LYS B 36 -18.13 33.76 44.32
CA LYS B 36 -18.33 32.30 44.40
C LYS B 36 -19.25 31.79 43.28
N LEU B 37 -18.63 31.26 42.22
CA LEU B 37 -19.31 30.66 41.10
C LEU B 37 -19.60 29.18 41.48
N PRO B 38 -20.82 28.65 41.29
CA PRO B 38 -21.07 27.24 41.63
C PRO B 38 -20.68 26.25 40.54
N LEU B 39 -20.11 25.10 40.95
CA LEU B 39 -19.70 24.02 40.06
C LEU B 39 -20.83 22.99 39.96
N THR B 40 -21.06 22.51 38.72
CA THR B 40 -22.07 21.52 38.36
C THR B 40 -21.57 20.13 38.68
N ARG B 41 -22.38 19.32 39.40
CA ARG B 41 -22.01 17.96 39.83
C ARG B 41 -22.36 16.89 38.81
N ASP B 42 -21.44 15.92 38.61
CA ASP B 42 -21.64 14.76 37.76
C ASP B 42 -21.97 13.65 38.72
N GLN B 43 -21.00 13.25 39.53
CA GLN B 43 -21.18 12.21 40.52
C GLN B 43 -20.40 12.71 41.71
N ASN B 44 -19.07 12.60 41.58
CA ASN B 44 -18.09 13.05 42.54
C ASN B 44 -17.16 14.03 41.78
N ASN B 45 -17.64 14.56 40.60
CA ASN B 45 -16.95 15.57 39.81
C ASN B 45 -17.81 16.82 39.73
N PHE B 46 -17.23 17.98 40.12
CA PHE B 46 -17.87 19.30 40.14
C PHE B 46 -17.12 20.20 39.17
N VAL B 47 -17.74 20.55 38.04
CA VAL B 47 -17.01 21.28 37.05
C VAL B 47 -17.63 22.54 36.58
N ALA B 48 -16.75 23.48 36.24
CA ALA B 48 -17.02 24.74 35.61
C ALA B 48 -15.96 24.88 34.49
N ILE B 49 -16.40 25.19 33.28
CA ILE B 49 -15.50 25.43 32.14
C ILE B 49 -15.61 26.93 31.94
N LEU B 50 -14.48 27.63 31.71
CA LEU B 50 -14.51 29.08 31.46
C LEU B 50 -13.22 29.50 30.79
N ASP B 51 -13.27 30.38 29.74
CA ASP B 51 -12.04 30.84 29.09
C ASP B 51 -11.44 31.97 29.90
N LEU B 52 -10.13 31.94 30.08
CA LEU B 52 -9.43 32.99 30.79
C LEU B 52 -8.14 33.36 30.06
N PRO B 53 -7.77 34.67 30.04
CA PRO B 53 -6.58 35.08 29.28
C PRO B 53 -5.31 34.35 29.66
N GLU B 54 -4.64 33.73 28.67
CA GLU B 54 -3.36 33.04 28.85
C GLU B 54 -2.38 33.90 29.67
N GLY B 55 -2.01 33.35 30.84
CA GLY B 55 -1.13 33.99 31.81
C GLY B 55 -1.23 33.32 33.16
N GLU B 56 -1.23 34.13 34.25
CA GLU B 56 -1.32 33.59 35.61
C GLU B 56 -2.67 33.87 36.27
N HIS B 57 -3.24 32.84 36.92
CA HIS B 57 -4.52 32.96 37.63
C HIS B 57 -4.52 32.09 38.87
N GLN B 58 -5.00 32.63 39.99
CA GLN B 58 -5.12 31.88 41.22
C GLN B 58 -6.57 31.57 41.48
N TYR B 59 -6.86 30.42 42.08
CA TYR B 59 -8.21 29.99 42.44
C TYR B 59 -8.22 29.27 43.77
N LYS B 60 -9.43 28.95 44.26
CA LYS B 60 -9.68 28.22 45.50
C LYS B 60 -11.07 27.62 45.40
N PHE B 61 -11.41 26.70 46.29
CA PHE B 61 -12.73 26.07 46.29
C PHE B 61 -13.47 26.27 47.60
N PHE B 62 -14.76 26.59 47.48
CA PHE B 62 -15.59 26.71 48.66
C PHE B 62 -16.44 25.47 48.69
N VAL B 63 -15.95 24.41 49.33
CA VAL B 63 -16.67 23.14 49.36
C VAL B 63 -17.31 22.99 50.70
N ASP B 64 -18.65 23.07 50.80
CA ASP B 64 -19.43 22.88 52.02
C ASP B 64 -18.84 23.49 53.28
N GLY B 65 -18.85 24.82 53.29
CA GLY B 65 -18.39 25.62 54.42
C GLY B 65 -16.89 25.81 54.52
N GLN B 66 -16.13 24.89 53.94
CA GLN B 66 -14.69 24.94 54.00
C GLN B 66 -14.07 25.44 52.72
N TRP B 67 -13.02 26.25 52.87
CA TRP B 67 -12.25 26.82 51.76
C TRP B 67 -11.03 25.95 51.66
N THR B 68 -10.83 25.30 50.52
CA THR B 68 -9.67 24.43 50.29
C THR B 68 -9.09 24.75 48.95
N HIS B 69 -7.88 24.29 48.70
CA HIS B 69 -7.32 24.34 47.35
C HIS B 69 -7.45 22.89 46.84
N ASP B 70 -6.91 22.58 45.67
CA ASP B 70 -6.86 21.24 45.13
C ASP B 70 -5.43 20.78 45.41
N PRO B 71 -5.23 19.88 46.42
CA PRO B 71 -3.88 19.47 46.82
C PRO B 71 -2.98 18.97 45.69
N SER B 72 -3.59 18.20 44.75
CA SER B 72 -2.97 17.60 43.56
C SER B 72 -2.49 18.66 42.57
N GLU B 73 -3.25 19.76 42.44
CA GLU B 73 -2.93 20.87 41.55
C GLU B 73 -1.89 21.83 42.13
N PRO B 74 -1.12 22.54 41.26
CA PRO B 74 -0.08 23.47 41.75
C PRO B 74 -0.59 24.57 42.65
N ILE B 75 0.11 24.77 43.77
CA ILE B 75 -0.27 25.81 44.72
C ILE B 75 0.70 26.97 44.66
N VAL B 76 0.47 27.95 45.53
CA VAL B 76 1.25 29.16 45.72
C VAL B 76 0.93 29.66 47.12
N THR B 77 1.94 29.62 47.99
CA THR B 77 1.81 30.12 49.35
C THR B 77 2.16 31.61 49.36
N SER B 78 1.25 32.44 49.88
CA SER B 78 1.43 33.88 49.92
C SER B 78 2.17 34.32 51.16
N GLN B 79 2.62 35.56 51.09
CA GLN B 79 3.34 36.33 52.09
C GLN B 79 2.55 36.33 53.43
N LEU B 80 1.20 36.23 53.33
CA LEU B 80 0.22 36.23 54.45
C LEU B 80 -0.29 34.82 54.84
N GLY B 81 0.39 33.79 54.34
CA GLY B 81 0.08 32.38 54.62
C GLY B 81 -1.09 31.86 53.82
N THR B 82 -1.49 32.61 52.77
CA THR B 82 -2.63 32.30 51.92
C THR B 82 -2.22 31.21 50.93
N VAL B 83 -2.85 30.04 50.98
CA VAL B 83 -2.49 29.00 50.01
C VAL B 83 -3.58 28.81 49.02
N ASN B 84 -3.39 29.34 47.81
CA ASN B 84 -4.34 29.21 46.69
C ASN B 84 -3.73 28.35 45.59
N ASN B 85 -4.58 27.74 44.74
CA ASN B 85 -4.05 27.02 43.60
C ASN B 85 -3.66 28.03 42.56
N ILE B 86 -2.86 27.60 41.60
CA ILE B 86 -2.43 28.45 40.51
C ILE B 86 -2.61 27.71 39.17
N ILE B 87 -2.79 28.50 38.09
CA ILE B 87 -2.96 27.98 36.75
C ILE B 87 -2.23 28.91 35.77
N GLN B 88 -1.21 28.36 35.08
CA GLN B 88 -0.43 29.01 34.04
C GLN B 88 -1.03 28.49 32.73
N VAL B 89 -1.90 29.30 32.12
CA VAL B 89 -2.61 28.91 30.90
C VAL B 89 -1.76 29.24 29.67
N LYS B 90 -1.36 28.16 28.95
CA LYS B 90 -0.49 28.22 27.77
C LYS B 90 -1.25 28.26 26.44
N LYS B 91 -0.54 28.73 25.41
CA LYS B 91 -1.00 28.78 24.03
C LYS B 91 -0.99 27.36 23.45
N THR B 92 -0.01 26.54 23.91
CA THR B 92 0.24 25.13 23.55
C THR B 92 -0.98 24.25 23.90
N ASP B 93 -1.62 24.54 25.04
CA ASP B 93 -2.78 23.87 25.61
C ASP B 93 -4.05 24.00 24.77
N PHE B 94 -4.21 25.16 24.09
CA PHE B 94 -5.39 25.47 23.27
C PHE B 94 -5.42 24.79 21.86
N GLU B 95 -4.26 24.67 21.18
CA GLU B 95 -4.14 24.02 19.86
C GLU B 95 -3.90 22.52 20.07
N VAL B 96 -4.89 21.68 19.67
CA VAL B 96 -5.00 20.22 19.85
C VAL B 96 -3.72 19.43 19.57
N PHE B 97 -3.19 19.54 18.34
CA PHE B 97 -2.04 18.75 17.89
C PHE B 97 -0.73 19.17 18.52
N ASP B 98 -0.65 20.44 19.01
CA ASP B 98 0.49 21.02 19.74
C ASP B 98 0.42 20.53 21.20
N ALA B 99 -0.83 20.39 21.71
CA ALA B 99 -1.13 19.93 23.06
C ALA B 99 -0.81 18.45 23.20
N LEU B 100 -1.27 17.59 22.25
CA LEU B 100 -1.00 16.14 22.21
C LEU B 100 0.50 15.88 22.05
N MET B 101 1.18 16.82 21.39
CA MET B 101 2.62 16.85 21.12
C MET B 101 3.40 17.11 22.45
N VAL B 102 3.03 18.17 23.22
CA VAL B 102 3.68 18.49 24.51
C VAL B 102 3.30 17.45 25.61
N ASP B 103 2.12 16.79 25.44
CA ASP B 103 1.53 15.75 26.29
C ASP B 103 2.33 14.46 26.21
N SER B 104 2.98 14.23 25.05
CA SER B 104 3.79 13.06 24.76
C SER B 104 5.27 13.33 25.10
N GLN B 105 5.51 13.79 26.34
CA GLN B 105 6.80 14.13 26.94
C GLN B 105 6.70 14.19 28.48
N LYS B 135 10.29 -14.25 25.42
CA LYS B 135 9.25 -14.52 24.42
C LYS B 135 9.66 -15.65 23.47
N ALA B 136 8.78 -15.95 22.49
CA ALA B 136 8.94 -16.95 21.42
C ALA B 136 8.64 -16.32 20.03
N PRO B 137 8.93 -16.96 18.88
CA PRO B 137 8.66 -16.29 17.60
C PRO B 137 7.17 -16.28 17.18
N PRO B 138 6.68 -15.22 16.49
CA PRO B 138 5.27 -15.21 16.05
C PRO B 138 5.00 -16.28 14.99
N ILE B 139 3.74 -16.53 14.67
CA ILE B 139 3.48 -17.48 13.58
C ILE B 139 3.35 -16.63 12.31
N LEU B 140 3.96 -17.11 11.21
CA LEU B 140 3.94 -16.43 9.92
C LEU B 140 2.50 -16.26 9.41
N PRO B 141 2.02 -14.99 9.28
CA PRO B 141 0.67 -14.76 8.74
C PRO B 141 0.53 -15.30 7.30
N PRO B 142 -0.57 -16.01 6.96
CA PRO B 142 -0.67 -16.61 5.62
C PRO B 142 -0.66 -15.63 4.45
N HIS B 143 -0.96 -14.34 4.74
CA HIS B 143 -1.01 -13.21 3.80
C HIS B 143 0.33 -13.03 3.11
N LEU B 144 1.43 -13.34 3.82
CA LEU B 144 2.80 -13.25 3.33
C LEU B 144 3.18 -14.34 2.36
N LEU B 145 2.57 -15.52 2.47
CA LEU B 145 2.86 -16.63 1.55
C LEU B 145 2.22 -16.40 0.16
N GLN B 146 1.26 -15.48 0.06
CA GLN B 146 0.56 -15.16 -1.18
C GLN B 146 1.38 -14.23 -2.09
N VAL B 147 1.93 -14.76 -3.22
CA VAL B 147 2.75 -13.98 -4.18
C VAL B 147 1.91 -13.49 -5.37
N ILE B 148 2.25 -12.29 -5.93
CA ILE B 148 1.57 -11.76 -7.13
C ILE B 148 2.27 -12.24 -8.42
N LEU B 149 3.53 -12.69 -8.31
CA LEU B 149 4.30 -13.14 -9.46
C LEU B 149 3.75 -14.43 -10.05
N ASN B 150 3.76 -15.54 -9.26
CA ASN B 150 3.30 -16.86 -9.72
C ASN B 150 1.81 -16.83 -10.17
N LYS B 151 0.93 -16.24 -9.32
CA LYS B 151 -0.49 -16.06 -9.58
C LYS B 151 -0.72 -14.83 -10.49
N CYS B 157 -2.33 -12.83 -20.84
CA CYS B 157 -2.23 -11.38 -21.00
C CYS B 157 -0.78 -10.90 -21.18
N ASP B 158 -0.46 -9.69 -20.67
CA ASP B 158 0.88 -9.10 -20.73
C ASP B 158 1.76 -9.72 -19.64
N PRO B 159 3.00 -10.15 -19.98
CA PRO B 159 3.86 -10.78 -18.96
C PRO B 159 4.47 -9.79 -17.95
N ALA B 160 4.45 -8.49 -18.32
CA ALA B 160 4.96 -7.37 -17.53
C ALA B 160 3.81 -6.70 -16.76
N LEU B 161 2.71 -7.43 -16.55
CA LEU B 161 1.56 -6.95 -15.78
C LEU B 161 1.17 -7.97 -14.73
N LEU B 162 1.07 -7.50 -13.47
CA LEU B 162 0.77 -8.34 -12.31
C LEU B 162 -0.49 -7.90 -11.54
N PRO B 163 -1.11 -8.78 -10.71
CA PRO B 163 -2.29 -8.33 -9.93
C PRO B 163 -1.90 -7.26 -8.91
N GLU B 164 -2.86 -6.41 -8.53
CA GLU B 164 -2.63 -5.39 -7.52
C GLU B 164 -2.38 -6.16 -6.21
N PRO B 165 -1.36 -5.77 -5.39
CA PRO B 165 -1.05 -6.57 -4.19
C PRO B 165 -1.74 -6.16 -2.89
N ASN B 166 -1.67 -7.05 -1.88
CA ASN B 166 -2.19 -6.72 -0.57
C ASN B 166 -1.13 -5.82 0.04
N HIS B 167 -1.55 -4.63 0.53
CA HIS B 167 -0.68 -3.63 1.14
C HIS B 167 0.30 -4.25 2.14
N VAL B 168 -0.10 -5.38 2.75
CA VAL B 168 0.63 -6.09 3.78
C VAL B 168 1.89 -6.80 3.26
N MET B 169 1.89 -7.25 1.99
CA MET B 169 3.06 -7.95 1.45
C MET B 169 3.88 -7.05 0.52
N LEU B 170 3.89 -5.74 0.86
CA LEU B 170 4.71 -4.75 0.16
C LEU B 170 6.01 -4.63 0.92
N ASN B 171 7.12 -4.33 0.22
CA ASN B 171 8.47 -4.14 0.76
C ASN B 171 9.09 -5.40 1.40
N HIS B 172 8.43 -6.57 1.26
CA HIS B 172 9.01 -7.82 1.78
C HIS B 172 9.88 -8.46 0.71
N LEU B 173 11.04 -9.01 1.11
CA LEU B 173 11.94 -9.67 0.18
C LEU B 173 11.51 -11.10 -0.10
N TYR B 174 11.48 -11.45 -1.40
CA TYR B 174 11.16 -12.75 -1.95
C TYR B 174 12.31 -13.16 -2.85
N ALA B 175 12.64 -14.45 -2.88
CA ALA B 175 13.78 -14.93 -3.65
C ALA B 175 13.56 -16.29 -4.27
N LEU B 176 14.31 -16.56 -5.35
CA LEU B 176 14.30 -17.83 -6.05
C LEU B 176 15.54 -18.60 -5.63
N SER B 177 15.41 -19.94 -5.54
CA SER B 177 16.50 -20.85 -5.16
C SER B 177 17.73 -20.61 -6.07
N ILE B 178 18.96 -20.49 -5.49
CA ILE B 178 20.16 -20.22 -6.29
C ILE B 178 20.43 -21.36 -7.29
N LYS B 179 19.92 -21.19 -8.52
CA LYS B 179 20.06 -22.14 -9.61
C LYS B 179 21.40 -21.91 -10.33
N ASP B 180 22.48 -22.38 -9.67
CA ASP B 180 23.88 -22.31 -10.08
C ASP B 180 24.39 -20.88 -10.21
N GLY B 181 25.02 -20.41 -9.13
CA GLY B 181 25.71 -19.13 -9.01
C GLY B 181 24.95 -17.83 -9.21
N VAL B 182 23.69 -17.91 -9.68
CA VAL B 182 22.86 -16.73 -9.92
C VAL B 182 21.69 -16.70 -8.91
N MET B 183 21.55 -15.55 -8.24
CA MET B 183 20.56 -15.33 -7.21
C MET B 183 19.52 -14.35 -7.73
N VAL B 184 18.24 -14.70 -7.57
CA VAL B 184 17.14 -13.83 -7.99
C VAL B 184 16.42 -13.31 -6.78
N LEU B 185 16.34 -11.98 -6.66
CA LEU B 185 15.65 -11.32 -5.56
C LEU B 185 14.52 -10.49 -6.12
N SER B 186 13.42 -10.38 -5.36
CA SER B 186 12.25 -9.62 -5.77
C SER B 186 11.46 -9.04 -4.63
N ALA B 187 10.89 -7.84 -4.86
CA ALA B 187 10.02 -7.14 -3.92
C ALA B 187 9.09 -6.18 -4.67
N THR B 188 7.88 -6.00 -4.11
CA THR B 188 6.87 -5.10 -4.66
C THR B 188 6.81 -3.88 -3.77
N HIS B 189 6.77 -2.70 -4.39
CA HIS B 189 6.71 -1.41 -3.69
C HIS B 189 5.69 -0.52 -4.38
N ARG B 190 5.31 0.61 -3.74
CA ARG B 190 4.36 1.54 -4.36
C ARG B 190 4.91 2.96 -4.54
N TYR B 191 4.76 3.48 -5.76
CA TYR B 191 5.09 4.85 -6.16
C TYR B 191 3.77 5.53 -6.47
N LYS B 192 3.45 6.59 -5.70
CA LYS B 192 2.20 7.33 -5.78
C LYS B 192 1.03 6.31 -5.60
N LYS B 193 0.10 6.23 -6.56
CA LYS B 193 -1.03 5.30 -6.49
C LYS B 193 -0.80 4.05 -7.37
N LYS B 194 0.46 3.87 -7.86
CA LYS B 194 0.89 2.77 -8.73
C LYS B 194 1.93 1.85 -8.04
N TYR B 195 2.10 0.59 -8.53
CA TYR B 195 3.01 -0.43 -7.99
C TYR B 195 4.01 -0.97 -9.00
N VAL B 196 5.25 -1.32 -8.54
CA VAL B 196 6.36 -1.89 -9.34
C VAL B 196 7.00 -3.06 -8.59
N THR B 197 7.03 -4.24 -9.23
CA THR B 197 7.67 -5.44 -8.68
C THR B 197 9.04 -5.57 -9.33
N THR B 198 10.12 -5.17 -8.60
CA THR B 198 11.50 -5.17 -9.10
C THR B 198 12.17 -6.53 -8.92
N LEU B 199 12.70 -7.08 -10.02
CA LEU B 199 13.38 -8.36 -10.04
C LEU B 199 14.86 -8.16 -10.31
N LEU B 200 15.69 -8.49 -9.32
CA LEU B 200 17.13 -8.34 -9.47
C LEU B 200 17.85 -9.66 -9.72
N TYR B 201 18.56 -9.70 -10.86
CA TYR B 201 19.40 -10.82 -11.27
C TYR B 201 20.81 -10.44 -10.91
N LYS B 202 21.28 -11.07 -9.82
CA LYS B 202 22.61 -10.83 -9.25
C LYS B 202 23.38 -12.14 -9.06
N PRO B 203 24.63 -12.20 -9.56
CA PRO B 203 25.44 -13.40 -9.31
C PRO B 203 25.99 -13.40 -7.88
N ILE B 204 26.46 -14.59 -7.40
CA ILE B 204 27.03 -14.75 -6.05
C ILE B 204 28.38 -15.47 -6.10
N TYR C 28 -2.75 18.53 -30.77
CA TYR C 28 -2.05 17.26 -30.68
C TYR C 28 -0.67 17.37 -30.03
N THR C 29 0.13 18.35 -30.46
CA THR C 29 1.48 18.59 -29.94
C THR C 29 1.41 19.05 -28.47
N THR C 30 0.42 19.92 -28.16
CA THR C 30 0.19 20.44 -26.81
C THR C 30 -0.17 19.35 -25.81
N PHE C 31 -0.94 18.33 -26.26
CA PHE C 31 -1.41 17.18 -25.49
C PHE C 31 -0.28 16.50 -24.70
N MET C 32 0.85 16.24 -25.37
CA MET C 32 2.01 15.58 -24.76
C MET C 32 2.79 16.52 -23.83
N LYS C 33 2.73 17.84 -24.09
CA LYS C 33 3.41 18.84 -23.27
C LYS C 33 2.77 19.02 -21.88
N SER C 34 1.58 18.43 -21.67
CA SER C 34 0.83 18.52 -20.42
C SER C 34 0.96 17.30 -19.49
N HIS C 35 0.36 16.16 -19.88
CA HIS C 35 0.30 14.91 -19.13
C HIS C 35 1.65 14.36 -18.69
N ARG C 36 1.77 14.01 -17.39
CA ARG C 36 2.98 13.45 -16.79
C ARG C 36 3.21 12.00 -17.25
N CYS C 37 4.49 11.56 -17.31
CA CYS C 37 4.91 10.20 -17.69
C CYS C 37 4.21 9.15 -16.85
N TYR C 38 4.08 9.45 -15.56
CA TYR C 38 3.40 8.63 -14.56
C TYR C 38 1.99 8.18 -14.96
N ASP C 39 1.27 9.01 -15.73
CA ASP C 39 -0.10 8.69 -16.15
C ASP C 39 -0.13 7.41 -17.01
N LEU C 40 0.93 7.21 -17.82
CA LEU C 40 1.10 6.03 -18.67
C LEU C 40 1.65 4.77 -17.87
N ILE C 41 2.25 4.99 -16.67
CA ILE C 41 2.75 3.89 -15.82
C ILE C 41 1.58 2.98 -15.41
N PRO C 42 1.68 1.63 -15.58
CA PRO C 42 0.56 0.74 -15.20
C PRO C 42 0.47 0.46 -13.71
N THR C 43 -0.81 0.40 -13.26
CA THR C 43 -1.37 0.14 -11.92
C THR C 43 -0.50 -0.81 -11.05
N SER C 44 -0.08 -1.92 -11.65
CA SER C 44 0.84 -2.92 -11.11
C SER C 44 1.51 -3.54 -12.31
N SER C 45 2.84 -3.42 -12.33
CA SER C 45 3.69 -3.93 -13.39
C SER C 45 4.92 -4.62 -12.80
N LYS C 46 5.63 -5.33 -13.69
CA LYS C 46 6.87 -6.05 -13.47
C LYS C 46 8.04 -5.24 -14.06
N LEU C 47 9.23 -5.40 -13.48
CA LEU C 47 10.45 -4.75 -13.92
C LEU C 47 11.66 -5.63 -13.59
N VAL C 48 12.42 -6.01 -14.63
CA VAL C 48 13.60 -6.84 -14.44
C VAL C 48 14.86 -6.03 -14.62
N VAL C 49 15.76 -6.07 -13.61
CA VAL C 49 17.05 -5.38 -13.58
C VAL C 49 18.16 -6.40 -13.41
N PHE C 50 19.15 -6.37 -14.30
CA PHE C 50 20.30 -7.27 -14.25
C PHE C 50 21.49 -6.50 -13.72
N ASP C 51 22.30 -7.11 -12.84
CA ASP C 51 23.53 -6.47 -12.38
C ASP C 51 24.51 -6.61 -13.55
N THR C 52 25.30 -5.55 -13.87
CA THR C 52 26.29 -5.62 -14.97
C THR C 52 27.22 -6.83 -14.86
N SER C 53 27.40 -7.36 -13.64
CA SER C 53 28.23 -8.52 -13.37
C SER C 53 27.56 -9.88 -13.75
N LEU C 54 26.33 -9.86 -14.26
CA LEU C 54 25.65 -11.10 -14.68
C LEU C 54 26.20 -11.56 -16.02
N GLN C 55 26.28 -12.87 -16.21
CA GLN C 55 26.75 -13.45 -17.45
C GLN C 55 25.74 -13.15 -18.54
N VAL C 56 26.21 -12.48 -19.59
CA VAL C 56 25.40 -11.97 -20.69
C VAL C 56 24.48 -13.04 -21.34
N LYS C 57 24.82 -14.35 -21.28
CA LYS C 57 23.94 -15.40 -21.84
C LYS C 57 22.67 -15.52 -20.96
N LYS C 58 22.87 -15.63 -19.62
CA LYS C 58 21.81 -15.73 -18.60
C LYS C 58 20.94 -14.50 -18.65
N ALA C 59 21.55 -13.34 -18.98
CA ALA C 59 20.88 -12.05 -19.12
C ALA C 59 19.78 -12.12 -20.18
N PHE C 60 20.14 -12.48 -21.44
CA PHE C 60 19.15 -12.58 -22.54
C PHE C 60 18.16 -13.67 -22.27
N PHE C 61 18.61 -14.82 -21.73
CA PHE C 61 17.75 -15.95 -21.39
C PHE C 61 16.68 -15.57 -20.37
N ALA C 62 17.04 -14.70 -19.40
CA ALA C 62 16.16 -14.19 -18.36
C ALA C 62 15.10 -13.27 -18.97
N LEU C 63 15.47 -12.35 -19.89
CA LEU C 63 14.51 -11.47 -20.57
C LEU C 63 13.36 -12.31 -21.10
N VAL C 64 13.70 -13.32 -21.93
CA VAL C 64 12.80 -14.27 -22.55
C VAL C 64 11.86 -14.88 -21.49
N THR C 65 12.42 -15.49 -20.43
CA THR C 65 11.62 -16.13 -19.40
C THR C 65 10.71 -15.16 -18.65
N ASN C 66 11.12 -13.88 -18.51
CA ASN C 66 10.33 -12.88 -17.78
C ASN C 66 9.36 -12.10 -18.67
N GLY C 67 9.29 -12.45 -19.94
CA GLY C 67 8.42 -11.80 -20.91
C GLY C 67 8.70 -10.31 -21.04
N VAL C 68 9.96 -9.95 -21.20
CA VAL C 68 10.36 -8.57 -21.28
C VAL C 68 11.40 -8.35 -22.37
N ARG C 69 11.22 -7.30 -23.18
CA ARG C 69 12.09 -6.96 -24.32
C ARG C 69 13.34 -6.12 -23.93
N ALA C 70 13.33 -5.47 -22.72
CA ALA C 70 14.47 -4.66 -22.26
C ALA C 70 14.58 -4.62 -20.75
N ALA C 71 15.81 -4.48 -20.21
CA ALA C 71 16.03 -4.46 -18.76
C ALA C 71 17.11 -3.47 -18.32
N PRO C 72 16.88 -2.65 -17.25
CA PRO C 72 17.93 -1.71 -16.82
C PRO C 72 19.15 -2.47 -16.28
N LEU C 73 20.31 -1.83 -16.36
CA LEU C 73 21.53 -2.46 -15.90
C LEU C 73 22.15 -1.68 -14.76
N TRP C 74 22.22 -2.30 -13.57
CA TRP C 74 22.78 -1.72 -12.36
C TRP C 74 24.24 -2.14 -12.20
N ASP C 75 25.12 -1.17 -11.94
CA ASP C 75 26.55 -1.40 -11.73
C ASP C 75 26.70 -1.38 -10.23
N SER C 76 27.01 -2.54 -9.64
CA SER C 76 27.11 -2.62 -8.18
C SER C 76 28.24 -1.78 -7.60
N LYS C 77 29.37 -1.68 -8.33
CA LYS C 77 30.52 -0.88 -7.95
C LYS C 77 30.20 0.61 -8.10
N LYS C 78 29.62 1.00 -9.26
CA LYS C 78 29.27 2.40 -9.53
C LYS C 78 28.02 2.88 -8.75
N GLN C 79 27.22 1.93 -8.19
CA GLN C 79 25.99 2.16 -7.42
C GLN C 79 25.02 3.11 -8.14
N SER C 80 24.67 2.73 -9.40
CA SER C 80 23.78 3.48 -10.31
C SER C 80 23.42 2.64 -11.54
N PHE C 81 22.28 2.95 -12.18
CA PHE C 81 21.87 2.29 -13.42
C PHE C 81 22.74 2.88 -14.55
N VAL C 82 23.57 2.03 -15.17
CA VAL C 82 24.51 2.46 -16.21
C VAL C 82 23.97 2.34 -17.65
N GLY C 83 22.97 1.48 -17.84
CA GLY C 83 22.39 1.27 -19.16
C GLY C 83 21.15 0.42 -19.21
N MET C 84 20.84 -0.08 -20.42
CA MET C 84 19.68 -0.90 -20.72
C MET C 84 20.08 -2.03 -21.63
N LEU C 85 19.86 -3.29 -21.19
CA LEU C 85 20.14 -4.43 -22.05
C LEU C 85 18.89 -4.66 -22.89
N THR C 86 19.07 -4.78 -24.21
CA THR C 86 17.98 -4.96 -25.14
C THR C 86 18.25 -6.12 -26.12
N ILE C 87 17.32 -6.39 -27.05
CA ILE C 87 17.40 -7.45 -28.07
C ILE C 87 18.52 -7.09 -29.04
N THR C 88 18.70 -5.78 -29.26
CA THR C 88 19.73 -5.20 -30.12
C THR C 88 21.12 -5.63 -29.66
N ASP C 89 21.30 -5.71 -28.33
CA ASP C 89 22.54 -6.13 -27.70
C ASP C 89 22.82 -7.59 -28.08
N PHE C 90 21.78 -8.41 -28.18
CA PHE C 90 21.89 -9.81 -28.59
C PHE C 90 22.29 -9.90 -30.06
N ILE C 91 21.66 -9.07 -30.92
CA ILE C 91 21.96 -9.01 -32.36
C ILE C 91 23.41 -8.55 -32.56
N ASN C 92 23.86 -7.58 -31.74
CA ASN C 92 25.22 -7.08 -31.82
C ASN C 92 26.24 -8.14 -31.42
N ILE C 93 26.03 -8.87 -30.29
CA ILE C 93 26.93 -9.95 -29.82
C ILE C 93 27.00 -11.08 -30.83
N LEU C 94 25.83 -11.57 -31.29
CA LEU C 94 25.71 -12.65 -32.25
C LEU C 94 26.51 -12.36 -33.54
N HIS C 95 26.27 -11.19 -34.13
CA HIS C 95 26.96 -10.78 -35.34
C HIS C 95 28.46 -10.54 -35.11
N ARG C 96 28.84 -9.97 -33.94
CA ARG C 96 30.25 -9.72 -33.63
C ARG C 96 31.01 -11.01 -33.46
N TYR C 97 30.39 -12.06 -32.89
CA TYR C 97 31.15 -13.28 -32.64
C TYR C 97 30.57 -14.57 -33.21
N TYR C 98 29.81 -14.52 -34.30
CA TYR C 98 29.33 -15.79 -34.84
C TYR C 98 30.44 -16.35 -35.71
N LYS C 99 31.00 -17.48 -35.26
CA LYS C 99 32.05 -18.11 -36.03
C LYS C 99 31.40 -18.99 -37.12
N SER C 100 30.59 -19.99 -36.70
CA SER C 100 29.86 -20.92 -37.57
C SER C 100 28.80 -21.68 -36.77
N ALA C 101 28.15 -22.65 -37.44
CA ALA C 101 27.17 -23.53 -36.83
C ALA C 101 27.93 -24.72 -36.22
N LEU C 102 29.20 -24.84 -36.61
CA LEU C 102 30.16 -25.87 -36.22
C LEU C 102 30.80 -25.62 -34.86
N VAL C 103 31.04 -24.34 -34.48
CA VAL C 103 31.72 -23.96 -33.24
C VAL C 103 30.92 -22.93 -32.45
N GLN C 104 30.81 -23.16 -31.13
CA GLN C 104 30.09 -22.31 -30.17
C GLN C 104 30.56 -20.86 -30.12
N ILE C 105 29.63 -19.94 -29.79
CA ILE C 105 29.94 -18.52 -29.67
C ILE C 105 30.50 -18.39 -28.25
N TYR C 106 31.77 -18.87 -28.06
CA TYR C 106 32.46 -18.90 -26.75
C TYR C 106 32.25 -17.59 -26.02
N GLU C 107 32.38 -16.50 -26.77
CA GLU C 107 32.20 -15.13 -26.34
C GLU C 107 30.90 -14.93 -25.58
N LEU C 108 29.76 -15.16 -26.22
CA LEU C 108 28.44 -15.01 -25.63
C LEU C 108 28.27 -15.94 -24.42
N GLU C 109 28.69 -17.20 -24.58
CA GLU C 109 28.58 -18.24 -23.57
C GLU C 109 29.40 -17.94 -22.29
N GLU C 110 30.40 -17.03 -22.34
CA GLU C 110 31.21 -16.71 -21.15
C GLU C 110 31.61 -15.21 -20.97
N HIS C 111 30.92 -14.26 -21.62
CA HIS C 111 31.20 -12.83 -21.40
C HIS C 111 30.20 -12.37 -20.35
N LYS C 112 30.52 -11.30 -19.59
CA LYS C 112 29.62 -10.67 -18.62
C LYS C 112 28.95 -9.48 -19.31
N ILE C 113 27.95 -8.86 -18.69
CA ILE C 113 27.31 -7.70 -19.33
C ILE C 113 28.34 -6.55 -19.37
N GLU C 114 29.15 -6.41 -18.30
CA GLU C 114 30.17 -5.38 -18.19
C GLU C 114 31.27 -5.54 -19.23
N THR C 115 31.74 -6.79 -19.47
CA THR C 115 32.78 -7.11 -20.46
C THR C 115 32.35 -6.72 -21.86
N TRP C 116 31.08 -6.98 -22.22
CA TRP C 116 30.59 -6.63 -23.54
C TRP C 116 30.24 -5.15 -23.67
N ARG C 117 29.65 -4.50 -22.65
CA ARG C 117 29.35 -3.06 -22.75
C ARG C 117 30.63 -2.22 -22.87
N GLU C 118 31.79 -2.83 -22.51
CA GLU C 118 33.13 -2.28 -22.62
C GLU C 118 33.55 -2.33 -24.10
N VAL C 119 33.33 -3.51 -24.73
CA VAL C 119 33.63 -3.82 -26.13
C VAL C 119 32.77 -2.94 -27.05
N TYR C 120 31.44 -3.05 -26.90
CA TYR C 120 30.43 -2.30 -27.65
C TYR C 120 30.69 -0.80 -27.63
N LEU C 121 30.93 -0.24 -26.44
CA LEU C 121 31.20 1.18 -26.27
C LEU C 121 32.64 1.36 -25.79
N GLN C 122 33.62 1.35 -26.73
CA GLN C 122 35.05 1.49 -26.41
C GLN C 122 35.41 2.96 -26.06
N ASP C 123 36.02 3.72 -27.02
CA ASP C 123 36.37 5.13 -26.81
C ASP C 123 35.09 5.97 -26.96
N SER C 124 34.14 5.47 -27.76
CA SER C 124 32.83 6.08 -28.02
C SER C 124 31.79 5.48 -27.04
N PHE C 125 31.57 6.15 -25.89
CA PHE C 125 30.65 5.72 -24.82
C PHE C 125 29.34 6.52 -24.73
N LYS C 126 28.22 5.80 -24.51
CA LYS C 126 26.87 6.37 -24.38
C LYS C 126 26.31 6.22 -22.94
N PRO C 127 26.03 7.34 -22.21
CA PRO C 127 25.52 7.20 -20.82
C PRO C 127 24.05 6.73 -20.73
N LEU C 128 23.46 6.68 -19.51
CA LEU C 128 22.06 6.26 -19.33
C LEU C 128 21.10 7.42 -19.57
N VAL C 129 20.27 7.28 -20.60
CA VAL C 129 19.24 8.26 -20.98
C VAL C 129 17.92 7.78 -20.38
N CYS C 130 17.25 8.65 -19.60
CA CYS C 130 15.99 8.35 -18.94
C CYS C 130 15.16 9.61 -18.67
N ILE C 131 13.90 9.42 -18.26
CA ILE C 131 12.93 10.47 -17.91
C ILE C 131 12.42 10.27 -16.48
N SER C 132 11.64 11.24 -15.96
CA SER C 132 11.07 11.18 -14.63
C SER C 132 9.53 11.03 -14.70
N PRO C 133 8.85 10.51 -13.64
CA PRO C 133 7.37 10.44 -13.68
C PRO C 133 6.69 11.81 -13.90
N ASN C 134 7.10 12.85 -13.12
CA ASN C 134 6.61 14.24 -13.15
C ASN C 134 6.73 14.92 -14.50
N ALA C 135 7.86 14.69 -15.21
CA ALA C 135 8.14 15.25 -16.54
C ALA C 135 7.05 14.90 -17.54
N SER C 136 6.72 15.83 -18.45
CA SER C 136 5.65 15.66 -19.44
C SER C 136 5.97 14.63 -20.52
N LEU C 137 4.93 14.13 -21.23
CA LEU C 137 5.04 13.16 -22.32
C LEU C 137 5.82 13.70 -23.52
N PHE C 138 5.89 15.04 -23.68
CA PHE C 138 6.65 15.70 -24.74
C PHE C 138 8.13 15.46 -24.46
N ASP C 139 8.55 15.58 -23.19
CA ASP C 139 9.92 15.34 -22.75
C ASP C 139 10.28 13.86 -22.94
N ALA C 140 9.26 12.98 -23.02
CA ALA C 140 9.40 11.53 -23.21
C ALA C 140 9.55 11.10 -24.69
N VAL C 141 8.79 11.75 -25.63
CA VAL C 141 8.84 11.47 -27.08
C VAL C 141 10.10 12.07 -27.68
N SER C 142 10.41 13.33 -27.33
CA SER C 142 11.61 14.04 -27.79
C SER C 142 12.90 13.35 -27.38
N SER C 143 12.93 12.71 -26.19
CA SER C 143 14.09 11.98 -25.70
C SER C 143 14.33 10.67 -26.45
N LEU C 144 13.26 9.98 -26.88
CA LEU C 144 13.33 8.73 -27.66
C LEU C 144 13.96 8.98 -29.04
N ILE C 145 13.58 10.12 -29.66
CA ILE C 145 14.07 10.58 -30.96
C ILE C 145 15.48 11.15 -30.79
N ARG C 146 15.66 12.20 -29.95
CA ARG C 146 16.96 12.85 -29.72
C ARG C 146 18.10 11.90 -29.31
N ASN C 147 17.78 10.70 -28.80
CA ASN C 147 18.80 9.74 -28.39
C ASN C 147 18.83 8.45 -29.24
N LYS C 148 18.02 8.39 -30.33
CA LYS C 148 17.92 7.26 -31.27
C LYS C 148 17.73 5.93 -30.53
N ILE C 149 16.62 5.84 -29.76
CA ILE C 149 16.22 4.71 -28.90
C ILE C 149 14.69 4.41 -28.98
N HIS C 150 14.29 3.16 -28.66
CA HIS C 150 12.90 2.72 -28.67
C HIS C 150 12.27 2.54 -27.28
N ARG C 151 13.11 2.31 -26.23
CA ARG C 151 12.67 2.10 -24.83
C ARG C 151 13.28 3.14 -23.85
N LEU C 152 12.42 3.88 -23.09
CA LEU C 152 12.89 4.86 -22.11
C LEU C 152 12.47 4.51 -20.65
N PRO C 153 13.40 4.47 -19.66
CA PRO C 153 12.98 4.11 -18.30
C PRO C 153 12.54 5.30 -17.48
N VAL C 154 11.32 5.24 -16.92
CA VAL C 154 10.79 6.30 -16.07
C VAL C 154 11.37 6.07 -14.68
N ILE C 155 12.18 7.04 -14.20
CA ILE C 155 12.87 6.93 -12.92
C ILE C 155 12.51 8.09 -11.96
N ASP C 156 12.07 7.74 -10.73
CA ASP C 156 11.75 8.72 -9.69
C ASP C 156 13.03 9.22 -9.05
N PRO C 157 13.26 10.56 -9.03
CA PRO C 157 14.51 11.08 -8.45
C PRO C 157 14.56 11.05 -6.92
N GLU C 158 13.40 11.19 -6.28
CA GLU C 158 13.27 11.16 -4.81
C GLU C 158 13.71 9.80 -4.26
N SER C 159 13.68 8.74 -5.11
CA SER C 159 14.03 7.36 -4.76
C SER C 159 15.30 6.88 -5.46
N GLY C 160 15.33 7.04 -6.77
CA GLY C 160 16.39 6.57 -7.64
C GLY C 160 15.90 5.36 -8.39
N ASN C 161 14.81 4.74 -7.87
CA ASN C 161 14.16 3.52 -8.36
C ASN C 161 13.63 3.63 -9.77
N THR C 162 13.96 2.64 -10.62
CA THR C 162 13.38 2.63 -11.96
C THR C 162 11.97 2.13 -11.75
N LEU C 163 11.01 2.81 -12.35
CA LEU C 163 9.61 2.45 -12.19
C LEU C 163 9.10 1.63 -13.35
N TYR C 164 9.28 2.11 -14.60
CA TYR C 164 8.72 1.39 -15.73
C TYR C 164 9.28 1.88 -17.05
N ILE C 165 9.55 0.95 -17.99
CA ILE C 165 10.10 1.28 -19.30
C ILE C 165 8.99 1.67 -20.30
N LEU C 166 8.88 3.00 -20.54
CA LEU C 166 7.93 3.63 -21.47
C LEU C 166 8.42 3.40 -22.92
N THR C 167 7.48 3.08 -23.83
CA THR C 167 7.73 2.77 -25.23
C THR C 167 6.81 3.55 -26.21
N HIS C 168 7.24 3.64 -27.51
CA HIS C 168 6.51 4.28 -28.61
C HIS C 168 5.09 3.71 -28.66
N LYS C 169 4.96 2.36 -28.81
CA LYS C 169 3.68 1.62 -28.82
C LYS C 169 2.79 1.94 -27.62
N ARG C 170 3.40 2.18 -26.45
CA ARG C 170 2.66 2.51 -25.24
C ARG C 170 2.12 3.93 -25.32
N ILE C 171 2.93 4.86 -25.89
CA ILE C 171 2.58 6.28 -26.03
C ILE C 171 1.49 6.45 -27.12
N LEU C 172 1.70 5.86 -28.32
CA LEU C 172 0.71 5.93 -29.41
C LEU C 172 -0.56 5.10 -29.10
N LYS C 173 -0.60 4.37 -27.96
CA LYS C 173 -1.77 3.60 -27.53
C LYS C 173 -2.68 4.58 -26.86
N PHE C 174 -2.14 5.33 -25.87
CA PHE C 174 -2.86 6.37 -25.11
C PHE C 174 -3.23 7.57 -26.00
N LEU C 175 -2.45 7.82 -27.07
CA LEU C 175 -2.70 8.90 -28.03
C LEU C 175 -3.85 8.51 -28.97
N LYS C 176 -4.28 7.23 -28.92
CA LYS C 176 -5.40 6.70 -29.72
C LYS C 176 -6.65 6.57 -28.86
N LEU C 177 -6.47 6.40 -27.52
CA LEU C 177 -7.55 6.28 -26.53
C LEU C 177 -8.13 7.65 -26.16
N PHE C 178 -7.68 8.71 -26.85
CA PHE C 178 -8.10 10.09 -26.66
C PHE C 178 -8.76 10.67 -27.91
N ILE C 179 -8.32 10.22 -29.11
CA ILE C 179 -8.89 10.73 -30.36
C ILE C 179 -10.35 10.30 -30.50
N THR C 180 -11.24 11.28 -30.29
CA THR C 180 -12.69 11.16 -30.34
C THR C 180 -13.25 12.02 -31.48
N SER C 191 -4.22 11.62 -46.01
CA SER C 191 -3.52 10.77 -46.96
C SER C 191 -2.08 10.49 -46.56
N LEU C 192 -1.58 9.28 -46.88
CA LEU C 192 -0.22 8.84 -46.54
C LEU C 192 0.83 9.50 -47.43
N GLU C 193 0.63 9.45 -48.76
CA GLU C 193 1.52 10.03 -49.77
C GLU C 193 1.63 11.55 -49.65
N GLU C 194 0.50 12.23 -49.35
CA GLU C 194 0.41 13.68 -49.19
C GLU C 194 1.24 14.18 -48.02
N LEU C 195 1.06 13.57 -46.83
CA LEU C 195 1.79 13.92 -45.60
C LEU C 195 3.27 13.52 -45.69
N GLN C 196 3.57 12.33 -46.26
CA GLN C 196 4.90 11.76 -46.45
C GLN C 196 5.64 11.52 -45.12
N ILE C 203 15.58 2.47 -47.75
CA ILE C 203 14.93 1.21 -47.42
C ILE C 203 15.98 0.13 -47.18
N ALA C 204 15.74 -0.80 -46.21
CA ALA C 204 16.58 -1.94 -45.83
C ALA C 204 15.79 -3.28 -45.95
N MET C 205 16.17 -4.13 -46.93
CA MET C 205 15.47 -5.40 -47.22
C MET C 205 16.38 -6.63 -47.25
N VAL C 206 15.78 -7.84 -47.04
CA VAL C 206 16.42 -9.17 -47.09
C VAL C 206 15.59 -10.14 -47.95
N ARG C 207 16.26 -11.10 -48.64
CA ARG C 207 15.56 -12.10 -49.45
C ARG C 207 15.06 -13.31 -48.59
N THR C 208 14.27 -14.20 -49.22
CA THR C 208 13.71 -15.42 -48.63
C THR C 208 14.86 -16.37 -48.25
N THR C 209 15.81 -16.51 -49.17
CA THR C 209 17.01 -17.30 -49.10
C THR C 209 18.01 -16.76 -48.08
N THR C 210 18.03 -15.42 -47.86
CA THR C 210 18.96 -14.70 -46.97
C THR C 210 19.10 -15.40 -45.61
N PRO C 211 20.33 -15.77 -45.15
CA PRO C 211 20.43 -16.40 -43.83
C PRO C 211 20.28 -15.39 -42.70
N VAL C 212 20.14 -15.86 -41.45
CA VAL C 212 19.96 -14.99 -40.30
C VAL C 212 21.16 -14.09 -40.10
N TYR C 213 22.37 -14.68 -40.11
CA TYR C 213 23.61 -13.93 -39.88
C TYR C 213 23.61 -12.62 -40.64
N VAL C 214 23.42 -12.74 -41.96
CA VAL C 214 23.38 -11.66 -42.95
C VAL C 214 22.34 -10.62 -42.58
N ALA C 215 21.12 -11.06 -42.23
CA ALA C 215 20.05 -10.15 -41.80
C ALA C 215 20.52 -9.38 -40.58
N LEU C 216 21.05 -10.09 -39.54
CA LEU C 216 21.56 -9.47 -38.31
C LEU C 216 22.56 -8.39 -38.61
N GLY C 217 23.40 -8.65 -39.63
CA GLY C 217 24.41 -7.72 -40.11
C GLY C 217 23.79 -6.45 -40.65
N ILE C 218 22.70 -6.60 -41.43
CA ILE C 218 21.97 -5.46 -41.99
C ILE C 218 21.39 -4.61 -40.85
N PHE C 219 20.74 -5.25 -39.86
CA PHE C 219 20.19 -4.58 -38.68
C PHE C 219 21.26 -3.74 -37.96
N VAL C 220 22.51 -4.22 -37.99
CA VAL C 220 23.63 -3.56 -37.33
C VAL C 220 24.11 -2.34 -38.16
N GLN C 221 24.56 -2.55 -39.42
CA GLN C 221 25.10 -1.49 -40.28
C GLN C 221 24.04 -0.48 -40.83
N HIS C 222 22.74 -0.71 -40.55
CA HIS C 222 21.65 0.17 -41.00
C HIS C 222 20.98 0.91 -39.88
N ARG C 223 20.86 0.28 -38.69
CA ARG C 223 20.17 0.78 -37.50
C ARG C 223 18.64 0.83 -37.76
N VAL C 224 18.11 -0.34 -38.18
CA VAL C 224 16.71 -0.60 -38.52
C VAL C 224 16.07 -1.63 -37.56
N SER C 225 14.74 -1.52 -37.29
CA SER C 225 14.01 -2.44 -36.39
C SER C 225 13.57 -3.76 -37.08
N ALA C 226 12.92 -3.69 -38.25
CA ALA C 226 12.47 -4.89 -38.96
C ALA C 226 13.02 -5.00 -40.39
N LEU C 227 12.99 -6.23 -40.92
CA LEU C 227 13.50 -6.49 -42.25
C LEU C 227 12.51 -7.20 -43.15
N PRO C 228 11.90 -6.46 -44.12
CA PRO C 228 10.96 -7.11 -45.05
C PRO C 228 11.67 -8.19 -45.86
N VAL C 229 10.93 -9.27 -46.17
CA VAL C 229 11.41 -10.46 -46.89
C VAL C 229 10.87 -10.51 -48.34
N VAL C 230 11.78 -10.53 -49.35
CA VAL C 230 11.42 -10.57 -50.78
C VAL C 230 11.53 -12.00 -51.34
N ASP C 231 10.50 -12.44 -52.08
CA ASP C 231 10.40 -13.79 -52.65
C ASP C 231 11.21 -13.93 -53.95
N GLU C 232 10.64 -14.60 -54.98
CA GLU C 232 11.26 -14.79 -56.29
C GLU C 232 11.36 -13.44 -56.99
N LYS C 233 10.32 -12.60 -56.85
CA LYS C 233 10.23 -11.25 -57.42
C LYS C 233 10.19 -10.22 -56.28
N GLY C 234 10.11 -8.93 -56.65
CA GLY C 234 10.05 -7.81 -55.72
C GLY C 234 8.79 -7.75 -54.87
N ARG C 235 8.02 -8.88 -54.82
CA ARG C 235 6.80 -9.02 -54.02
C ARG C 235 7.19 -9.47 -52.61
N VAL C 236 6.72 -8.73 -51.58
CA VAL C 236 7.02 -8.97 -50.16
C VAL C 236 6.08 -10.02 -49.55
N VAL C 237 6.66 -11.13 -49.05
CA VAL C 237 5.90 -12.22 -48.44
C VAL C 237 5.89 -12.14 -46.92
N ASP C 238 6.99 -11.66 -46.29
CA ASP C 238 7.10 -11.58 -44.82
C ASP C 238 7.99 -10.43 -44.32
N ILE C 239 8.18 -10.35 -43.00
CA ILE C 239 9.02 -9.36 -42.35
C ILE C 239 9.66 -9.93 -41.05
N TYR C 240 11.00 -9.96 -41.02
CA TYR C 240 11.83 -10.47 -39.92
C TYR C 240 12.33 -9.29 -39.07
N SER C 241 11.73 -9.10 -37.88
CA SER C 241 12.04 -8.04 -36.93
C SER C 241 13.08 -8.45 -35.88
N LYS C 242 13.61 -7.44 -35.14
CA LYS C 242 14.53 -7.59 -34.01
C LYS C 242 13.87 -8.55 -33.02
N PHE C 243 12.55 -8.45 -32.85
CA PHE C 243 11.77 -9.33 -31.98
C PHE C 243 11.92 -10.77 -32.42
N ASP C 244 11.85 -11.04 -33.72
CA ASP C 244 11.98 -12.42 -34.18
C ASP C 244 13.30 -13.05 -33.74
N VAL C 245 14.35 -12.21 -33.57
CA VAL C 245 15.68 -12.63 -33.15
C VAL C 245 15.68 -13.27 -31.74
N ILE C 246 14.74 -12.92 -30.86
CA ILE C 246 14.75 -13.55 -29.53
C ILE C 246 14.19 -14.93 -29.52
N ASN C 247 13.61 -15.37 -30.62
CA ASN C 247 13.12 -16.73 -30.67
C ASN C 247 14.31 -17.72 -30.76
N LEU C 248 15.52 -17.20 -31.10
CA LEU C 248 16.78 -17.93 -31.16
C LEU C 248 17.22 -18.19 -29.72
N ALA C 249 17.12 -17.16 -28.87
CA ALA C 249 17.43 -17.26 -27.44
C ALA C 249 16.43 -18.22 -26.75
N ALA C 250 15.12 -18.04 -27.06
CA ALA C 250 13.99 -18.82 -26.54
C ALA C 250 14.18 -20.30 -26.81
N GLU C 251 14.26 -20.69 -28.11
CA GLU C 251 14.44 -22.07 -28.54
C GLU C 251 15.88 -22.57 -28.39
N LYS C 252 16.83 -21.67 -28.00
CA LYS C 252 18.26 -21.95 -27.85
C LYS C 252 18.82 -22.53 -29.16
N THR C 253 18.72 -21.73 -30.24
CA THR C 253 19.10 -22.10 -31.60
C THR C 253 20.04 -21.08 -32.25
N TYR C 254 20.57 -20.13 -31.45
CA TYR C 254 21.48 -19.03 -31.86
C TYR C 254 22.78 -19.48 -32.51
N ASN C 255 23.23 -20.73 -32.25
CA ASN C 255 24.48 -21.26 -32.79
C ASN C 255 24.29 -21.90 -34.19
N ASN C 256 23.46 -21.23 -35.02
CA ASN C 256 23.15 -21.55 -36.41
C ASN C 256 22.40 -20.38 -36.98
N LEU C 257 23.15 -19.50 -37.65
CA LEU C 257 22.61 -18.29 -38.26
C LEU C 257 22.74 -18.39 -39.76
N ASP C 258 23.19 -19.59 -40.22
CA ASP C 258 23.35 -20.04 -41.59
C ASP C 258 21.99 -20.35 -42.23
N VAL C 259 20.94 -20.47 -41.40
CA VAL C 259 19.55 -20.76 -41.81
C VAL C 259 18.87 -19.53 -42.39
N SER C 260 18.09 -19.74 -43.45
CA SER C 260 17.35 -18.68 -44.12
C SER C 260 16.36 -18.01 -43.19
N VAL C 261 16.13 -16.71 -43.45
CA VAL C 261 15.21 -15.80 -42.77
C VAL C 261 13.80 -16.46 -42.67
N THR C 262 13.35 -17.13 -43.77
CA THR C 262 12.06 -17.84 -43.83
C THR C 262 12.03 -19.02 -42.85
N LYS C 263 13.10 -19.88 -42.90
CA LYS C 263 13.27 -21.03 -42.00
C LYS C 263 13.27 -20.55 -40.57
N ALA C 264 13.89 -19.39 -40.31
CA ALA C 264 13.94 -18.76 -39.00
C ALA C 264 12.53 -18.34 -38.59
N LEU C 265 11.78 -17.71 -39.52
CA LEU C 265 10.42 -17.23 -39.29
C LEU C 265 9.35 -18.34 -39.18
N GLN C 266 9.72 -19.62 -39.47
CA GLN C 266 8.80 -20.78 -39.42
C GLN C 266 8.14 -21.03 -38.04
N HIS C 267 8.67 -20.45 -36.94
CA HIS C 267 8.14 -20.56 -35.57
C HIS C 267 6.76 -19.84 -35.34
N ARG C 268 6.24 -19.17 -36.40
CA ARG C 268 4.96 -18.45 -36.46
C ARG C 268 4.53 -18.18 -37.92
N LEU C 276 0.97 -8.25 -43.10
CA LEU C 276 0.29 -7.02 -42.73
C LEU C 276 0.93 -5.82 -43.41
N LYS C 277 0.17 -5.09 -44.27
CA LYS C 277 0.65 -3.93 -45.03
C LYS C 277 -0.40 -2.84 -45.27
N CYS C 278 0.04 -1.69 -45.80
CA CYS C 278 -0.80 -0.51 -46.10
C CYS C 278 -0.45 0.13 -47.46
N TYR C 279 -1.36 0.99 -47.97
CA TYR C 279 -1.19 1.73 -49.24
C TYR C 279 -0.98 3.22 -48.99
N LEU C 280 -0.57 3.98 -50.03
CA LEU C 280 -0.32 5.42 -49.92
C LEU C 280 -1.57 6.30 -50.11
N HIS C 281 -2.65 5.74 -50.71
CA HIS C 281 -3.92 6.44 -50.94
C HIS C 281 -4.84 6.45 -49.69
N GLU C 282 -4.39 5.81 -48.62
CA GLU C 282 -5.09 5.69 -47.34
C GLU C 282 -4.76 6.90 -46.46
N THR C 283 -5.71 7.32 -45.62
CA THR C 283 -5.56 8.46 -44.70
C THR C 283 -4.62 8.16 -43.53
N LEU C 284 -3.89 9.18 -43.05
CA LEU C 284 -2.94 9.07 -41.93
C LEU C 284 -3.59 8.56 -40.64
N GLU C 285 -4.85 8.96 -40.40
CA GLU C 285 -5.65 8.53 -39.24
C GLU C 285 -6.07 7.06 -39.38
N ALA C 286 -6.33 6.62 -40.63
CA ALA C 286 -6.70 5.23 -40.96
C ALA C 286 -5.46 4.34 -40.86
N ILE C 287 -4.27 4.93 -41.12
CA ILE C 287 -2.97 4.27 -41.00
C ILE C 287 -2.69 4.03 -39.51
N ILE C 288 -3.05 5.02 -38.66
CA ILE C 288 -2.91 4.98 -37.20
C ILE C 288 -3.88 3.95 -36.61
N ASN C 289 -5.17 3.99 -37.03
CA ASN C 289 -6.23 3.08 -36.60
C ASN C 289 -5.87 1.61 -36.84
N ARG C 290 -5.39 1.29 -38.06
CA ARG C 290 -5.00 -0.06 -38.47
C ARG C 290 -3.79 -0.60 -37.72
N LEU C 291 -2.79 0.28 -37.46
CA LEU C 291 -1.55 -0.06 -36.75
C LEU C 291 -1.81 -0.65 -35.39
N VAL C 292 -2.45 0.13 -34.50
CA VAL C 292 -2.76 -0.23 -33.11
C VAL C 292 -3.79 -1.36 -33.00
N GLU C 293 -4.76 -1.47 -33.94
CA GLU C 293 -5.78 -2.52 -33.92
C GLU C 293 -5.17 -3.92 -34.14
N ALA C 294 -3.93 -3.95 -34.65
CA ALA C 294 -3.17 -5.16 -34.90
C ALA C 294 -1.98 -5.24 -33.91
N GLU C 295 -1.73 -4.15 -33.13
CA GLU C 295 -0.64 -3.96 -32.14
C GLU C 295 0.73 -4.26 -32.76
N VAL C 296 1.10 -3.48 -33.77
CA VAL C 296 2.36 -3.67 -34.47
C VAL C 296 3.27 -2.44 -34.32
N HIS C 297 4.49 -2.47 -34.89
CA HIS C 297 5.42 -1.35 -34.79
C HIS C 297 5.58 -0.59 -36.11
N ARG C 298 5.35 -1.26 -37.26
CA ARG C 298 5.43 -0.64 -38.56
C ARG C 298 4.66 -1.40 -39.64
N LEU C 299 4.24 -0.67 -40.69
CA LEU C 299 3.55 -1.23 -41.85
C LEU C 299 4.23 -0.74 -43.13
N VAL C 300 4.36 -1.63 -44.13
CA VAL C 300 5.04 -1.34 -45.40
C VAL C 300 4.07 -0.69 -46.40
N ASP C 306 1.65 -5.19 -54.87
CA ASP C 306 2.17 -5.94 -53.74
C ASP C 306 3.72 -5.94 -53.66
N VAL C 307 4.34 -4.80 -54.06
CA VAL C 307 5.79 -4.59 -54.03
C VAL C 307 6.13 -3.42 -53.10
N VAL C 308 7.21 -3.56 -52.29
CA VAL C 308 7.65 -2.56 -51.32
C VAL C 308 8.05 -1.23 -51.94
N LYS C 309 7.62 -0.13 -51.30
CA LYS C 309 7.89 1.26 -51.71
C LYS C 309 8.42 2.10 -50.54
N GLY C 310 7.92 1.81 -49.34
CA GLY C 310 8.30 2.51 -48.11
C GLY C 310 7.69 1.88 -46.87
N ILE C 311 8.33 2.09 -45.71
CA ILE C 311 7.87 1.57 -44.42
C ILE C 311 7.69 2.71 -43.41
N VAL C 312 6.44 2.86 -42.91
CA VAL C 312 6.06 3.88 -41.93
C VAL C 312 5.99 3.25 -40.54
N SER C 313 6.73 3.82 -39.58
CA SER C 313 6.84 3.31 -38.21
C SER C 313 6.29 4.24 -37.12
N LEU C 314 6.05 3.65 -35.93
CA LEU C 314 5.55 4.28 -34.69
C LEU C 314 6.43 5.43 -34.22
N SER C 315 7.75 5.27 -34.40
CA SER C 315 8.77 6.26 -34.06
C SER C 315 8.71 7.45 -35.00
N ASP C 316 8.15 7.25 -36.21
CA ASP C 316 8.04 8.27 -37.25
C ASP C 316 6.77 9.11 -37.10
N ILE C 317 5.63 8.46 -36.75
CA ILE C 317 4.35 9.13 -36.52
C ILE C 317 4.51 10.07 -35.32
N LEU C 318 5.25 9.62 -34.30
CA LEU C 318 5.57 10.38 -33.09
C LEU C 318 6.47 11.58 -33.39
N GLN C 319 7.28 11.50 -34.48
CA GLN C 319 8.16 12.59 -34.91
C GLN C 319 7.36 13.69 -35.60
N ALA C 320 6.20 13.32 -36.18
CA ALA C 320 5.30 14.24 -36.88
C ALA C 320 4.38 14.95 -35.89
N LEU C 321 3.91 14.23 -34.86
CA LEU C 321 3.02 14.75 -33.82
C LEU C 321 3.84 15.25 -32.61
N VAL C 322 4.87 16.07 -32.88
CA VAL C 322 5.77 16.65 -31.88
C VAL C 322 6.37 17.98 -32.35
#